data_8ZIW
#
_entry.id   8ZIW
#
_cell.length_a   1.00
_cell.length_b   1.00
_cell.length_c   1.00
_cell.angle_alpha   90.00
_cell.angle_beta   90.00
_cell.angle_gamma   90.00
#
_symmetry.space_group_name_H-M   'P 1'
#
loop_
_entity.id
_entity.type
_entity.pdbx_description
1 polymer 'Enteropeptidase non-catalytic heavy chain'
2 polymer 'Enteropeptidase catalytic light chain'
3 branched alpha-D-mannopyranose-(1-6)-beta-D-mannopyranose-(1-4)-2-acetamido-2-deoxy-beta-D-glucopyranose-(1-4)-2-acetamido-2-deoxy-beta-D-glucopyranose
4 branched beta-D-mannopyranose-(1-4)-2-acetamido-2-deoxy-beta-D-glucopyranose-(1-4)-2-acetamido-2-deoxy-beta-D-glucopyranose
5 branched alpha-D-mannopyranose-(1-3)-beta-D-mannopyranose-(1-4)-2-acetamido-2-deoxy-beta-D-glucopyranose-(1-4)-2-acetamido-2-deoxy-beta-D-glucopyranose
6 branched beta-D-mannopyranose-(1-6)-2-acetamido-2-deoxy-beta-D-glucopyranose-(1-4)-2-acetamido-2-deoxy-beta-D-glucopyranose
7 branched beta-D-mannopyranose-(1-4)-2-acetamido-2-deoxy-beta-D-glucopyranose-(1-6)-2-acetamido-2-deoxy-beta-D-glucopyranose
#
loop_
_entity_poly.entity_id
_entity_poly.type
_entity_poly.pdbx_seq_one_letter_code
_entity_poly.pdbx_strand_id
1 'polypeptide(L)'
;ICNGSLYPEPTLVPTPPPELPTDCGGPFELWEPNTTFSSTNFPNSYPNLAFCVWILNAQKGKNIQLHFQEFDLANINDVV
EIRDGEEADSLLLAVYTGPGPVKDVFSTTNRMTVLLITNDVLARGGFKANFTTGYHLGIPEPCKADHFQCKNGECVPLVN
LCDGHLHCEDGSDEADCVRFFNGTTNNNGLVRFRIQSIWHTACAENWTTQISNDVCQLLGLGSGNSSKPIFPTDGGPFVK
LNTAPDGHLILTPSQQCLQDSLIRLQCNHKSCGKKLAAQDITPK
;
A
2 'polypeptide(L)'
;IVGGSNAKEGAWPWVVGLYYGGRLLCGASLVSSDWLVSAAACVYGRNLEPSKWTAILGLHMKSNLTSPQTVPRLIDEIVI
NPHYNRRRKDNAIAMMHLEFKVNYTDYIQPICLPEENQVFPPGRNCSIAGWGTVVYQGTTANILQEADVPLLSNERCQQQ
MPEYNITENMICAGYEEGGIDSCQGDAGGPLMCQENNRWFLAGVTSFGYKCALPNRPGVYARVSRFTEWIQSFLH
;
D
#
loop_
_chem_comp.id
_chem_comp.type
_chem_comp.name
_chem_comp.formula
BMA D-saccharide, beta linking beta-D-mannopyranose 'C6 H12 O6'
MAN D-saccharide, alpha linking alpha-D-mannopyranose 'C6 H12 O6'
NAG D-saccharide, beta linking 2-acetamido-2-deoxy-beta-D-glucopyranose 'C8 H15 N O6'
#
# COMPACT_ATOMS: atom_id res chain seq x y z
N ILE A 1 57.78 14.16 -39.07
CA ILE A 1 56.67 13.32 -39.48
C ILE A 1 56.93 11.86 -39.10
N CYS A 2 56.13 11.36 -38.16
CA CYS A 2 56.29 9.98 -37.71
C CYS A 2 55.82 9.02 -38.81
N ASN A 3 56.63 8.00 -39.07
CA ASN A 3 56.32 7.01 -40.09
C ASN A 3 57.15 5.77 -39.82
N GLY A 4 56.99 4.77 -40.68
CA GLY A 4 57.72 3.52 -40.54
C GLY A 4 57.12 2.51 -39.58
N SER A 5 55.91 2.78 -39.07
CA SER A 5 55.25 1.86 -38.14
C SER A 5 54.52 0.75 -38.92
N LEU A 6 55.31 -0.05 -39.62
CA LEU A 6 54.78 -1.16 -40.42
C LEU A 6 54.75 -2.46 -39.62
N TYR A 7 54.11 -2.42 -38.47
CA TYR A 7 53.99 -3.58 -37.60
C TYR A 7 52.57 -3.65 -37.04
N PRO A 8 52.11 -4.84 -36.67
CA PRO A 8 50.76 -4.96 -36.09
C PRO A 8 50.71 -4.42 -34.66
N GLU A 9 50.54 -3.11 -34.53
CA GLU A 9 50.50 -2.49 -33.21
C GLU A 9 49.44 -3.07 -32.30
N PRO A 10 48.17 -3.27 -32.72
CA PRO A 10 47.20 -3.90 -31.81
C PRO A 10 47.46 -5.38 -31.63
N THR A 11 48.49 -5.72 -30.85
CA THR A 11 48.84 -7.11 -30.62
C THR A 11 47.79 -7.85 -29.80
N LEU A 12 46.96 -7.13 -29.05
CA LEU A 12 45.94 -7.78 -28.24
C LEU A 12 44.89 -8.44 -29.11
N VAL A 13 44.49 -9.65 -28.74
CA VAL A 13 43.49 -10.40 -29.47
C VAL A 13 42.12 -10.05 -28.91
N PRO A 14 41.23 -9.44 -29.69
CA PRO A 14 39.90 -9.08 -29.16
C PRO A 14 39.07 -10.31 -28.85
N THR A 15 38.19 -10.17 -27.87
CA THR A 15 37.28 -11.23 -27.47
C THR A 15 35.84 -10.74 -27.54
N PRO A 16 34.91 -11.60 -27.92
CA PRO A 16 33.50 -11.19 -28.00
C PRO A 16 32.98 -10.75 -26.65
N PRO A 17 32.19 -9.68 -26.60
CA PRO A 17 31.63 -9.24 -25.33
C PRO A 17 30.60 -10.24 -24.82
N PRO A 18 30.43 -10.35 -23.51
CA PRO A 18 29.41 -11.27 -22.95
C PRO A 18 28.00 -10.71 -23.05
N GLU A 19 27.55 -10.53 -24.29
CA GLU A 19 26.25 -9.95 -24.57
C GLU A 19 25.22 -11.07 -24.78
N LEU A 20 24.01 -10.67 -25.20
CA LEU A 20 22.90 -11.58 -25.47
C LEU A 20 22.57 -12.44 -24.25
N PRO A 21 22.05 -11.86 -23.17
CA PRO A 21 21.66 -12.69 -22.04
C PRO A 21 20.41 -13.53 -22.33
N THR A 22 19.38 -12.92 -22.91
CA THR A 22 18.13 -13.58 -23.32
C THR A 22 17.59 -14.35 -22.11
N ASP A 23 17.09 -15.57 -22.29
CA ASP A 23 16.59 -16.36 -21.17
C ASP A 23 16.61 -17.83 -21.59
N CYS A 24 16.52 -18.71 -20.59
CA CYS A 24 16.50 -20.15 -20.83
C CYS A 24 15.11 -20.76 -20.77
N GLY A 25 14.14 -20.08 -20.18
CA GLY A 25 12.78 -20.58 -20.15
C GLY A 25 12.56 -21.71 -19.17
N GLY A 26 13.19 -22.85 -19.42
CA GLY A 26 13.06 -24.00 -18.56
C GLY A 26 11.71 -24.68 -18.70
N PRO A 27 11.30 -25.39 -17.65
CA PRO A 27 9.99 -26.07 -17.70
C PRO A 27 8.84 -25.09 -17.83
N PHE A 28 7.78 -25.55 -18.48
CA PHE A 28 6.58 -24.78 -18.72
C PHE A 28 5.39 -25.47 -18.03
N GLU A 29 4.18 -25.00 -18.36
CA GLU A 29 2.96 -25.48 -17.71
C GLU A 29 2.89 -26.99 -17.70
N LEU A 30 2.60 -27.56 -16.52
CA LEU A 30 2.55 -29.00 -16.34
C LEU A 30 1.39 -29.34 -15.41
N TRP A 31 0.94 -30.58 -15.48
CA TRP A 31 -0.21 -31.04 -14.72
C TRP A 31 0.24 -31.64 -13.39
N GLU A 32 -0.69 -32.30 -12.70
CA GLU A 32 -0.41 -32.87 -11.37
C GLU A 32 0.71 -33.91 -11.39
N PRO A 33 0.79 -34.86 -12.35
CA PRO A 33 1.84 -35.89 -12.27
C PRO A 33 3.25 -35.33 -12.22
N ASN A 34 3.47 -34.18 -12.85
CA ASN A 34 4.74 -33.47 -12.76
C ASN A 34 4.78 -32.68 -11.46
N THR A 35 5.65 -33.10 -10.53
CA THR A 35 5.74 -32.42 -9.25
C THR A 35 7.13 -31.80 -9.04
N THR A 36 8.17 -32.61 -9.20
CA THR A 36 9.53 -32.14 -8.92
C THR A 36 10.20 -31.69 -10.21
N PHE A 37 10.78 -30.49 -10.20
CA PHE A 37 11.46 -29.97 -11.36
C PHE A 37 12.51 -28.95 -10.93
N SER A 38 13.68 -29.03 -11.53
CA SER A 38 14.74 -28.05 -11.33
C SER A 38 14.48 -26.84 -12.22
N SER A 39 14.99 -25.69 -11.79
CA SER A 39 14.75 -24.46 -12.55
C SER A 39 15.35 -24.55 -13.94
N THR A 40 16.68 -24.51 -14.03
CA THR A 40 17.35 -24.97 -15.24
C THR A 40 18.55 -25.85 -14.90
N ASN A 41 19.29 -25.45 -13.87
CA ASN A 41 20.48 -26.18 -13.40
C ASN A 41 20.55 -26.11 -11.88
N PHE A 42 19.41 -26.37 -11.23
CA PHE A 42 19.29 -26.16 -9.79
C PHE A 42 20.41 -26.79 -8.95
N PRO A 43 20.87 -28.02 -9.20
CA PRO A 43 21.95 -28.57 -8.36
C PRO A 43 23.24 -27.77 -8.42
N ASN A 44 23.48 -26.99 -9.46
CA ASN A 44 24.75 -26.28 -9.61
C ASN A 44 24.60 -24.76 -9.51
N SER A 45 23.81 -24.14 -10.39
CA SER A 45 23.70 -22.69 -10.45
C SER A 45 22.64 -22.34 -11.48
N TYR A 46 22.40 -21.03 -11.63
CA TYR A 46 21.48 -20.54 -12.65
C TYR A 46 22.14 -19.44 -13.48
N PRO A 47 21.78 -19.32 -14.76
CA PRO A 47 22.39 -18.28 -15.59
C PRO A 47 21.97 -16.89 -15.15
N ASN A 48 22.87 -15.93 -15.37
CA ASN A 48 22.59 -14.54 -15.03
C ASN A 48 21.64 -13.92 -16.04
N LEU A 49 20.81 -12.99 -15.54
CA LEU A 49 19.84 -12.26 -16.36
C LEU A 49 18.91 -13.23 -17.10
N ALA A 50 18.43 -14.25 -16.40
CA ALA A 50 17.55 -15.24 -16.97
C ALA A 50 16.16 -15.10 -16.40
N PHE A 51 15.15 -15.15 -17.27
CA PHE A 51 13.75 -15.05 -16.88
C PHE A 51 13.03 -16.34 -17.28
N CYS A 52 12.35 -16.95 -16.32
CA CYS A 52 11.69 -18.22 -16.53
C CYS A 52 10.25 -18.15 -16.02
N VAL A 53 9.37 -18.91 -16.66
CA VAL A 53 7.95 -18.97 -16.28
C VAL A 53 7.59 -20.42 -16.03
N TRP A 54 7.15 -20.72 -14.82
CA TRP A 54 6.64 -22.04 -14.47
C TRP A 54 5.16 -21.91 -14.11
N ILE A 55 4.32 -22.69 -14.77
CA ILE A 55 2.88 -22.63 -14.57
C ILE A 55 2.43 -23.96 -13.98
N LEU A 56 1.69 -23.91 -12.88
CA LEU A 56 1.15 -25.08 -12.23
C LEU A 56 -0.34 -25.17 -12.53
N ASN A 57 -0.77 -26.31 -13.06
CA ASN A 57 -2.14 -26.52 -13.48
C ASN A 57 -2.82 -27.52 -12.54
N ALA A 58 -4.07 -27.22 -12.19
CA ALA A 58 -4.84 -28.08 -11.30
C ALA A 58 -6.27 -28.17 -11.82
N GLN A 59 -6.97 -29.21 -11.38
CA GLN A 59 -8.35 -29.41 -11.78
C GLN A 59 -9.23 -28.29 -11.23
N LYS A 60 -10.34 -28.04 -11.92
CA LYS A 60 -11.25 -26.97 -11.52
C LYS A 60 -11.78 -27.21 -10.12
N GLY A 61 -11.82 -26.14 -9.32
CA GLY A 61 -12.27 -26.22 -7.95
C GLY A 61 -11.21 -26.55 -6.94
N LYS A 62 -9.96 -26.75 -7.36
CA LYS A 62 -8.86 -27.07 -6.48
C LYS A 62 -7.90 -25.90 -6.35
N ASN A 63 -7.00 -25.99 -5.39
CA ASN A 63 -5.96 -25.01 -5.17
C ASN A 63 -4.60 -25.71 -5.19
N ILE A 64 -3.54 -24.91 -5.17
CA ILE A 64 -2.17 -25.40 -5.31
C ILE A 64 -1.36 -24.94 -4.10
N GLN A 65 -0.61 -25.86 -3.50
CA GLN A 65 0.23 -25.60 -2.35
C GLN A 65 1.69 -25.83 -2.73
N LEU A 66 2.56 -24.90 -2.33
CA LEU A 66 3.98 -24.97 -2.62
C LEU A 66 4.76 -25.51 -1.43
N HIS A 67 5.89 -26.16 -1.73
CA HIS A 67 6.79 -26.66 -0.69
C HIS A 67 8.19 -26.65 -1.28
N PHE A 68 8.95 -25.61 -0.97
CA PHE A 68 10.33 -25.47 -1.46
C PHE A 68 11.25 -26.31 -0.59
N GLN A 69 11.65 -27.48 -1.10
CA GLN A 69 12.54 -28.35 -0.33
C GLN A 69 13.89 -27.70 -0.08
N GLU A 70 14.45 -27.05 -1.10
CA GLU A 70 15.70 -26.31 -0.96
C GLU A 70 15.53 -24.95 -1.59
N PHE A 71 15.88 -23.90 -0.85
CA PHE A 71 15.72 -22.52 -1.32
C PHE A 71 16.98 -21.75 -0.94
N ASP A 72 17.86 -21.53 -1.91
CA ASP A 72 19.12 -20.79 -1.69
C ASP A 72 19.34 -19.91 -2.92
N LEU A 73 18.91 -18.66 -2.82
CA LEU A 73 19.02 -17.69 -3.90
C LEU A 73 19.94 -16.55 -3.48
N ALA A 74 20.04 -15.55 -4.34
CA ALA A 74 20.90 -14.40 -4.10
C ALA A 74 20.20 -13.42 -3.16
N ASN A 75 20.74 -12.21 -3.07
CA ASN A 75 20.18 -11.19 -2.19
C ASN A 75 18.95 -10.57 -2.83
N ILE A 76 18.52 -9.43 -2.31
CA ILE A 76 17.29 -8.76 -2.75
C ILE A 76 17.28 -8.45 -4.24
N ASN A 77 18.41 -8.56 -4.93
CA ASN A 77 18.45 -8.30 -6.36
C ASN A 77 17.60 -9.32 -7.13
N ASP A 78 17.64 -10.58 -6.71
CA ASP A 78 16.90 -11.65 -7.37
C ASP A 78 15.68 -12.03 -6.53
N VAL A 79 14.51 -12.03 -7.16
CA VAL A 79 13.25 -12.35 -6.49
C VAL A 79 12.49 -13.35 -7.33
N VAL A 80 11.51 -14.00 -6.71
CA VAL A 80 10.63 -14.97 -7.36
C VAL A 80 9.20 -14.46 -7.25
N GLU A 81 8.52 -14.36 -8.38
CA GLU A 81 7.15 -13.86 -8.43
C GLU A 81 6.18 -15.01 -8.57
N ILE A 82 5.03 -14.89 -7.90
CA ILE A 82 3.99 -15.92 -7.90
C ILE A 82 2.70 -15.29 -8.42
N ARG A 83 2.08 -15.93 -9.39
CA ARG A 83 0.82 -15.47 -9.97
C ARG A 83 -0.16 -16.63 -10.03
N ASP A 84 -1.44 -16.30 -10.01
CA ASP A 84 -2.50 -17.31 -10.02
C ASP A 84 -3.31 -17.32 -11.31
N GLY A 85 -3.81 -16.17 -11.75
CA GLY A 85 -4.66 -16.12 -12.92
C GLY A 85 -3.92 -16.19 -14.23
N GLU A 86 -3.08 -15.18 -14.50
CA GLU A 86 -2.30 -15.08 -15.73
C GLU A 86 -3.20 -15.10 -16.98
N GLU A 87 -4.44 -14.67 -16.83
CA GLU A 87 -5.38 -14.57 -17.95
C GLU A 87 -5.75 -13.13 -18.24
N ALA A 88 -6.27 -12.40 -17.24
CA ALA A 88 -6.60 -11.00 -17.40
C ALA A 88 -5.98 -10.19 -16.26
N ASP A 89 -5.82 -10.82 -15.10
CA ASP A 89 -5.21 -10.17 -13.96
C ASP A 89 -4.63 -11.26 -13.05
N SER A 90 -3.50 -10.91 -12.41
CA SER A 90 -2.82 -11.84 -11.51
C SER A 90 -2.42 -11.11 -10.24
N LEU A 91 -2.31 -11.85 -9.15
CA LEU A 91 -1.95 -11.30 -7.86
C LEU A 91 -0.61 -11.90 -7.39
N LEU A 92 0.23 -11.04 -6.81
CA LEU A 92 1.54 -11.49 -6.35
C LEU A 92 1.41 -12.50 -5.21
N LEU A 93 0.51 -12.24 -4.26
CA LEU A 93 0.27 -13.13 -3.13
C LEU A 93 1.51 -13.25 -2.25
N ALA A 94 2.54 -13.93 -2.75
CA ALA A 94 3.77 -14.13 -2.01
C ALA A 94 4.97 -13.96 -2.93
N VAL A 95 5.98 -13.24 -2.44
CA VAL A 95 7.24 -13.05 -3.15
C VAL A 95 8.37 -13.49 -2.24
N TYR A 96 9.24 -14.35 -2.74
CA TYR A 96 10.32 -14.94 -1.95
C TYR A 96 11.67 -14.58 -2.55
N THR A 97 12.61 -14.25 -1.66
CA THR A 97 13.97 -13.94 -2.07
C THR A 97 14.90 -14.16 -0.88
N GLY A 98 16.18 -14.37 -1.18
CA GLY A 98 17.17 -14.54 -0.16
C GLY A 98 17.31 -15.99 0.29
N PRO A 99 18.49 -16.35 0.79
CA PRO A 99 18.69 -17.73 1.26
C PRO A 99 17.89 -18.01 2.52
N GLY A 100 17.56 -19.29 2.71
CA GLY A 100 16.82 -19.71 3.87
C GLY A 100 15.47 -20.31 3.52
N PRO A 101 14.86 -21.01 4.48
CA PRO A 101 13.55 -21.61 4.22
C PRO A 101 12.47 -20.55 4.02
N VAL A 102 11.44 -20.94 3.27
CA VAL A 102 10.31 -20.07 2.98
C VAL A 102 9.03 -20.81 3.30
N LYS A 103 7.98 -20.05 3.57
CA LYS A 103 6.69 -20.62 3.93
C LYS A 103 5.95 -21.10 2.69
N ASP A 104 4.95 -21.94 2.91
CA ASP A 104 4.15 -22.48 1.83
C ASP A 104 3.25 -21.38 1.24
N VAL A 105 2.90 -21.56 -0.04
CA VAL A 105 2.04 -20.64 -0.76
C VAL A 105 0.82 -21.40 -1.26
N PHE A 106 -0.36 -20.87 -0.97
CA PHE A 106 -1.62 -21.50 -1.35
C PHE A 106 -2.29 -20.66 -2.44
N SER A 107 -2.55 -21.28 -3.59
CA SER A 107 -3.19 -20.58 -4.69
C SER A 107 -4.66 -20.31 -4.40
N THR A 108 -5.16 -19.20 -4.93
CA THR A 108 -6.55 -18.82 -4.77
C THR A 108 -7.45 -19.36 -5.87
N THR A 109 -6.88 -20.01 -6.88
CA THR A 109 -7.65 -20.57 -7.99
C THR A 109 -6.98 -21.86 -8.43
N ASN A 110 -7.46 -22.44 -9.52
CA ASN A 110 -6.90 -23.68 -10.05
C ASN A 110 -5.80 -23.41 -11.08
N ARG A 111 -4.85 -22.56 -10.71
CA ARG A 111 -3.70 -22.23 -11.55
C ARG A 111 -2.71 -21.42 -10.74
N MET A 112 -1.42 -21.69 -10.94
CA MET A 112 -0.36 -20.94 -10.29
C MET A 112 0.79 -20.74 -11.27
N THR A 113 1.33 -19.53 -11.30
CA THR A 113 2.45 -19.18 -12.17
C THR A 113 3.63 -18.75 -11.31
N VAL A 114 4.80 -19.31 -11.61
CA VAL A 114 6.03 -19.00 -10.89
C VAL A 114 7.01 -18.34 -11.86
N LEU A 115 7.54 -17.19 -11.47
CA LEU A 115 8.44 -16.41 -12.31
C LEU A 115 9.78 -16.24 -11.60
N LEU A 116 10.86 -16.24 -12.38
CA LEU A 116 12.21 -16.08 -11.87
C LEU A 116 12.82 -14.81 -12.42
N ILE A 117 13.38 -13.98 -11.54
CA ILE A 117 14.08 -12.75 -11.91
C ILE A 117 15.50 -12.86 -11.40
N THR A 118 16.47 -12.67 -12.29
CA THR A 118 17.88 -12.82 -11.95
C THR A 118 18.66 -11.60 -12.42
N ASN A 119 19.70 -11.25 -11.66
CA ASN A 119 20.60 -10.18 -12.00
C ASN A 119 21.79 -10.74 -12.78
N ASP A 120 22.82 -9.93 -12.98
CA ASP A 120 24.00 -10.33 -13.73
C ASP A 120 25.14 -10.82 -12.85
N VAL A 121 25.02 -10.72 -11.53
CA VAL A 121 26.10 -11.11 -10.61
C VAL A 121 25.52 -11.91 -9.47
N LEU A 122 26.41 -12.60 -8.75
CA LEU A 122 26.09 -13.35 -7.54
C LEU A 122 25.02 -14.41 -7.81
N ALA A 123 25.39 -15.38 -8.65
CA ALA A 123 24.51 -16.50 -8.98
C ALA A 123 24.65 -17.59 -7.92
N ARG A 124 23.52 -18.01 -7.36
CA ARG A 124 23.49 -19.03 -6.34
C ARG A 124 23.02 -20.36 -6.93
N GLY A 125 22.79 -21.35 -6.07
CA GLY A 125 22.42 -22.67 -6.55
C GLY A 125 21.07 -22.70 -7.25
N GLY A 126 20.06 -22.09 -6.64
CA GLY A 126 18.72 -22.07 -7.19
C GLY A 126 17.72 -22.57 -6.17
N PHE A 127 16.57 -23.02 -6.66
CA PHE A 127 15.50 -23.50 -5.81
C PHE A 127 14.67 -24.54 -6.55
N LYS A 128 13.96 -25.35 -5.78
CA LYS A 128 13.07 -26.37 -6.34
C LYS A 128 11.88 -26.55 -5.41
N ALA A 129 10.78 -27.04 -5.97
CA ALA A 129 9.57 -27.26 -5.19
C ALA A 129 8.67 -28.24 -5.91
N ASN A 130 7.70 -28.77 -5.17
CA ASN A 130 6.68 -29.65 -5.72
C ASN A 130 5.33 -29.31 -5.10
N PHE A 131 4.26 -29.77 -5.73
CA PHE A 131 2.90 -29.48 -5.30
C PHE A 131 2.08 -30.77 -5.28
N THR A 132 1.05 -30.76 -4.44
CA THR A 132 0.14 -31.91 -4.35
C THR A 132 -1.32 -31.56 -4.58
N THR A 133 -1.69 -30.27 -4.59
CA THR A 133 -3.07 -29.82 -4.78
C THR A 133 -4.02 -30.41 -3.75
N GLY A 134 -5.31 -30.20 -3.95
CA GLY A 134 -6.32 -30.67 -3.03
C GLY A 134 -7.51 -29.73 -3.04
N TYR A 135 -8.42 -29.98 -2.09
CA TYR A 135 -9.65 -29.20 -1.95
C TYR A 135 -9.52 -28.30 -0.73
N HIS A 136 -9.37 -26.99 -0.97
CA HIS A 136 -9.31 -25.99 0.09
C HIS A 136 -8.21 -26.30 1.10
N LEU A 137 -6.98 -26.43 0.58
CA LEU A 137 -5.84 -26.68 1.47
C LEU A 137 -5.60 -25.51 2.41
N GLY A 138 -5.67 -24.29 1.89
CA GLY A 138 -5.49 -23.09 2.70
C GLY A 138 -6.74 -22.49 3.28
N ILE A 139 -7.90 -23.11 3.05
CA ILE A 139 -9.17 -22.61 3.54
C ILE A 139 -9.72 -23.64 4.53
N PRO A 140 -9.66 -23.38 5.84
CA PRO A 140 -10.21 -24.32 6.80
C PRO A 140 -11.72 -24.44 6.66
N GLU A 141 -12.23 -25.63 6.97
CA GLU A 141 -13.66 -25.89 6.88
C GLU A 141 -14.41 -25.13 7.97
N PRO A 142 -15.40 -24.32 7.63
CA PRO A 142 -16.17 -23.61 8.67
C PRO A 142 -16.88 -24.61 9.58
N CYS A 143 -16.94 -24.26 10.86
CA CYS A 143 -17.60 -25.12 11.84
C CYS A 143 -19.11 -24.97 11.75
N LYS A 144 -19.81 -26.10 11.90
CA LYS A 144 -21.26 -26.11 11.85
C LYS A 144 -21.82 -25.76 13.23
N ALA A 145 -23.11 -25.97 13.43
CA ALA A 145 -23.80 -25.72 14.70
C ALA A 145 -23.68 -24.26 15.12
N ASP A 146 -23.94 -23.36 14.16
CA ASP A 146 -24.00 -21.92 14.40
C ASP A 146 -22.69 -21.39 14.98
N HIS A 147 -21.63 -21.51 14.18
CA HIS A 147 -20.32 -20.99 14.52
C HIS A 147 -19.91 -19.94 13.49
N PHE A 148 -19.40 -18.80 13.97
CA PHE A 148 -18.99 -17.70 13.10
C PHE A 148 -17.50 -17.81 12.84
N GLN A 149 -17.11 -17.74 11.57
CA GLN A 149 -15.73 -17.88 11.15
C GLN A 149 -15.10 -16.49 11.00
N CYS A 150 -13.90 -16.33 11.54
CA CYS A 150 -13.17 -15.07 11.46
C CYS A 150 -12.37 -15.02 10.16
N LYS A 151 -11.49 -14.01 10.06
CA LYS A 151 -10.68 -13.87 8.85
C LYS A 151 -9.68 -15.01 8.70
N ASN A 152 -9.10 -15.46 9.80
CA ASN A 152 -8.09 -16.51 9.76
C ASN A 152 -8.65 -17.92 9.89
N GLY A 153 -9.99 -18.06 9.96
CA GLY A 153 -10.62 -19.35 9.95
C GLY A 153 -11.09 -19.86 11.29
N GLU A 154 -10.67 -19.23 12.39
CA GLU A 154 -11.13 -19.67 13.71
C GLU A 154 -12.64 -19.46 13.84
N CYS A 155 -13.31 -20.48 14.38
CA CYS A 155 -14.77 -20.49 14.47
C CYS A 155 -15.19 -20.56 15.93
N VAL A 156 -16.13 -19.70 16.30
CA VAL A 156 -16.68 -19.67 17.66
C VAL A 156 -18.18 -19.53 17.60
N PRO A 157 -18.89 -20.14 18.56
CA PRO A 157 -20.35 -20.04 18.57
C PRO A 157 -20.85 -18.61 18.66
N LEU A 158 -20.54 -17.92 19.76
CA LEU A 158 -20.77 -16.48 19.85
C LEU A 158 -19.90 -15.95 20.99
N VAL A 159 -18.73 -15.41 20.64
CA VAL A 159 -17.90 -14.68 21.60
C VAL A 159 -17.43 -13.39 20.95
N ASN A 160 -18.14 -12.92 19.94
CA ASN A 160 -17.68 -11.84 19.08
C ASN A 160 -18.89 -11.04 18.61
N LEU A 161 -18.71 -10.32 17.51
CA LEU A 161 -19.75 -9.45 16.94
C LEU A 161 -20.17 -8.36 17.92
N CYS A 162 -19.18 -7.54 18.28
CA CYS A 162 -19.37 -6.37 19.13
C CYS A 162 -19.95 -6.75 20.49
N ASP A 163 -19.17 -7.52 21.24
CA ASP A 163 -19.49 -7.82 22.63
C ASP A 163 -18.77 -6.79 23.51
N GLY A 164 -18.73 -7.06 24.82
CA GLY A 164 -17.98 -6.17 25.71
C GLY A 164 -16.51 -6.13 25.36
N HIS A 165 -15.91 -7.28 25.08
CA HIS A 165 -14.55 -7.36 24.59
C HIS A 165 -14.41 -8.63 23.74
N LEU A 166 -13.40 -8.62 22.88
CA LEU A 166 -13.21 -9.73 21.93
C LEU A 166 -12.64 -10.93 22.67
N HIS A 167 -13.43 -12.02 22.73
CA HIS A 167 -12.97 -13.26 23.35
C HIS A 167 -12.33 -14.18 22.32
N CYS A 168 -11.37 -13.64 21.55
CA CYS A 168 -10.70 -14.41 20.51
C CYS A 168 -9.21 -14.20 20.62
N GLU A 169 -8.45 -15.29 20.60
CA GLU A 169 -7.00 -15.19 20.62
C GLU A 169 -6.48 -14.52 19.35
N ASP A 170 -7.07 -14.88 18.20
CA ASP A 170 -6.65 -14.27 16.94
C ASP A 170 -7.00 -12.79 16.90
N GLY A 171 -8.20 -12.42 17.36
CA GLY A 171 -8.61 -11.04 17.44
C GLY A 171 -8.70 -10.33 16.10
N SER A 172 -9.33 -10.97 15.12
CA SER A 172 -9.47 -10.40 13.79
C SER A 172 -10.87 -9.82 13.56
N ASP A 173 -11.59 -9.48 14.63
CA ASP A 173 -12.92 -8.89 14.52
C ASP A 173 -12.81 -7.38 14.35
N GLU A 174 -12.07 -6.97 13.31
CA GLU A 174 -11.89 -5.55 13.03
C GLU A 174 -13.22 -4.89 12.64
N ALA A 175 -14.02 -5.58 11.84
CA ALA A 175 -15.32 -5.03 11.44
C ALA A 175 -16.25 -4.94 12.63
N ASP A 176 -16.96 -3.82 12.73
CA ASP A 176 -17.91 -3.59 13.80
C ASP A 176 -19.33 -3.92 13.35
N CYS A 177 -20.25 -3.90 14.31
CA CYS A 177 -21.66 -4.15 14.04
C CYS A 177 -22.46 -2.87 13.83
N VAL A 178 -21.81 -1.70 13.86
CA VAL A 178 -22.46 -0.42 13.64
C VAL A 178 -21.92 0.16 12.33
N ARG A 179 -22.82 0.41 11.39
CA ARG A 179 -22.45 0.93 10.08
C ARG A 179 -23.52 1.90 9.61
N PHE A 180 -23.13 2.78 8.68
CA PHE A 180 -24.06 3.71 8.07
C PHE A 180 -24.84 3.01 6.96
N PHE A 181 -26.15 2.87 7.16
CA PHE A 181 -27.03 2.26 6.19
C PHE A 181 -28.05 3.27 5.70
N ASN A 182 -28.42 3.14 4.43
CA ASN A 182 -29.43 3.98 3.79
C ASN A 182 -29.04 5.45 3.89
N GLY A 183 -27.75 5.72 3.70
CA GLY A 183 -27.20 7.05 3.79
C GLY A 183 -27.03 7.69 2.41
N THR A 184 -26.34 8.82 2.41
CA THR A 184 -26.06 9.56 1.19
C THR A 184 -24.60 9.58 0.80
N THR A 185 -23.67 9.48 1.75
CA THR A 185 -22.25 9.46 1.46
C THR A 185 -21.55 8.68 2.58
N ASN A 186 -20.22 8.76 2.59
CA ASN A 186 -19.44 8.04 3.59
C ASN A 186 -19.68 8.60 4.99
N ASN A 187 -19.72 9.92 5.11
CA ASN A 187 -19.86 10.58 6.40
C ASN A 187 -21.31 10.77 6.83
N ASN A 188 -22.26 10.50 5.95
CA ASN A 188 -23.68 10.70 6.26
C ASN A 188 -24.40 9.36 6.15
N GLY A 189 -25.19 9.04 7.16
CA GLY A 189 -25.95 7.80 7.14
C GLY A 189 -26.78 7.67 8.40
N LEU A 190 -27.61 6.62 8.41
CA LEU A 190 -28.46 6.31 9.56
C LEU A 190 -27.72 5.35 10.49
N VAL A 191 -27.92 5.56 11.78
CA VAL A 191 -27.24 4.74 12.79
C VAL A 191 -27.93 3.39 12.87
N ARG A 192 -27.18 2.32 12.65
CA ARG A 192 -27.71 0.96 12.67
C ARG A 192 -26.78 0.08 13.50
N PHE A 193 -27.27 -0.39 14.65
CA PHE A 193 -26.54 -1.30 15.50
C PHE A 193 -27.01 -2.73 15.28
N ARG A 194 -26.12 -3.67 15.61
CA ARG A 194 -26.41 -5.10 15.45
C ARG A 194 -25.96 -5.81 16.72
N ILE A 195 -26.93 -6.33 17.49
CA ILE A 195 -26.60 -7.05 18.71
C ILE A 195 -25.86 -8.35 18.39
N GLN A 196 -26.52 -9.24 17.64
CA GLN A 196 -25.87 -10.47 17.18
C GLN A 196 -25.88 -10.59 15.66
N SER A 197 -27.06 -10.59 15.03
CA SER A 197 -27.15 -10.70 13.58
C SER A 197 -28.21 -9.80 12.98
N ILE A 198 -28.87 -8.96 13.76
CA ILE A 198 -30.00 -8.16 13.30
C ILE A 198 -29.64 -6.69 13.41
N TRP A 199 -29.79 -5.95 12.32
CA TRP A 199 -29.49 -4.53 12.29
C TRP A 199 -30.69 -3.73 12.79
N HIS A 200 -30.41 -2.70 13.59
CA HIS A 200 -31.46 -1.87 14.17
C HIS A 200 -30.85 -0.55 14.62
N THR A 201 -31.71 0.46 14.77
CA THR A 201 -31.28 1.78 15.19
C THR A 201 -31.16 1.83 16.71
N ALA A 202 -30.94 3.02 17.26
CA ALA A 202 -30.77 3.20 18.70
C ALA A 202 -31.79 4.13 19.32
N CYS A 203 -32.85 4.49 18.58
CA CYS A 203 -33.93 5.35 19.06
C CYS A 203 -33.41 6.73 19.45
N ALA A 204 -34.31 7.59 19.97
CA ALA A 204 -33.94 8.95 20.34
C ALA A 204 -34.59 9.37 21.65
N GLU A 205 -34.82 8.42 22.56
CA GLU A 205 -35.43 8.76 23.84
C GLU A 205 -34.55 9.67 24.69
N ASN A 206 -33.25 9.42 24.74
CA ASN A 206 -32.34 10.29 25.48
C ASN A 206 -31.06 10.54 24.69
N TRP A 207 -31.19 10.81 23.39
CA TRP A 207 -30.02 11.00 22.53
C TRP A 207 -29.37 12.33 22.87
N THR A 208 -28.05 12.31 23.09
CA THR A 208 -27.28 13.50 23.42
C THR A 208 -26.09 13.63 22.48
N THR A 209 -25.28 14.66 22.72
CA THR A 209 -24.10 14.90 21.89
C THR A 209 -22.96 13.95 22.24
N GLN A 210 -22.83 13.56 23.50
CA GLN A 210 -21.72 12.69 23.91
C GLN A 210 -21.82 11.33 23.24
N ILE A 211 -23.02 10.73 23.26
CA ILE A 211 -23.18 9.41 22.64
C ILE A 211 -23.06 9.53 21.12
N SER A 212 -23.50 10.65 20.54
CA SER A 212 -23.31 10.85 19.10
C SER A 212 -21.82 10.90 18.75
N ASN A 213 -21.04 11.61 19.55
CA ASN A 213 -19.60 11.66 19.31
C ASN A 213 -18.96 10.29 19.50
N ASP A 214 -19.43 9.53 20.50
CA ASP A 214 -18.90 8.19 20.71
C ASP A 214 -19.20 7.28 19.53
N VAL A 215 -20.42 7.37 18.98
CA VAL A 215 -20.77 6.58 17.81
C VAL A 215 -19.92 6.99 16.61
N CYS A 216 -19.71 8.30 16.43
CA CYS A 216 -18.87 8.77 15.33
C CYS A 216 -17.45 8.25 15.47
N GLN A 217 -16.91 8.24 16.69
CA GLN A 217 -15.58 7.69 16.92
C GLN A 217 -15.54 6.21 16.62
N LEU A 218 -16.58 5.48 17.02
CA LEU A 218 -16.66 4.05 16.71
C LEU A 218 -16.77 3.78 15.22
N LEU A 219 -17.21 4.77 14.44
CA LEU A 219 -17.28 4.65 12.99
C LEU A 219 -16.02 5.12 12.29
N GLY A 220 -14.97 5.46 13.05
CA GLY A 220 -13.76 5.97 12.45
C GLY A 220 -13.89 7.33 11.82
N LEU A 221 -14.64 8.23 12.45
CA LEU A 221 -14.83 9.60 11.97
C LEU A 221 -14.65 10.56 13.13
N GLY A 222 -14.82 11.85 12.85
CA GLY A 222 -14.56 12.89 13.84
C GLY A 222 -15.73 13.15 14.77
N SER A 223 -16.02 14.43 15.00
CA SER A 223 -17.07 14.79 15.96
C SER A 223 -18.45 14.74 15.30
N GLY A 224 -19.48 14.93 16.12
CA GLY A 224 -20.84 14.91 15.65
C GLY A 224 -21.29 16.24 15.04
N ASN A 225 -21.73 16.19 13.79
CA ASN A 225 -22.19 17.38 13.08
C ASN A 225 -23.55 17.10 12.46
N SER A 226 -24.46 18.07 12.58
CA SER A 226 -25.80 17.96 12.03
C SER A 226 -26.52 16.71 12.54
N SER A 227 -26.71 16.61 13.85
CA SER A 227 -27.38 15.47 14.49
C SER A 227 -28.87 15.80 14.60
N LYS A 228 -29.67 15.23 13.70
CA LYS A 228 -31.11 15.45 13.73
C LYS A 228 -31.85 14.39 12.94
N PRO A 229 -32.85 13.73 13.52
CA PRO A 229 -33.65 12.78 12.77
C PRO A 229 -34.64 13.49 11.86
N ILE A 230 -35.18 12.72 10.90
CA ILE A 230 -36.12 13.27 9.92
C ILE A 230 -37.45 12.54 10.04
N PHE A 231 -37.45 11.23 9.77
CA PHE A 231 -38.66 10.43 9.83
C PHE A 231 -38.27 8.97 9.98
N PRO A 232 -39.11 8.15 10.62
CA PRO A 232 -38.81 6.72 10.75
C PRO A 232 -39.38 5.88 9.62
N THR A 233 -38.59 4.88 9.22
CA THR A 233 -39.03 3.91 8.23
C THR A 233 -38.71 2.46 8.59
N ASP A 234 -37.86 2.20 9.58
CA ASP A 234 -37.50 0.84 9.94
C ASP A 234 -38.54 0.25 10.91
N GLY A 235 -38.54 -1.07 11.01
CA GLY A 235 -39.46 -1.76 11.89
C GLY A 235 -38.82 -2.93 12.62
N GLY A 236 -37.51 -2.88 12.80
CA GLY A 236 -36.79 -3.95 13.45
C GLY A 236 -36.77 -3.84 14.96
N PRO A 237 -36.01 -4.71 15.63
CA PRO A 237 -35.91 -4.68 17.11
C PRO A 237 -35.02 -3.54 17.60
N PHE A 238 -35.62 -2.36 17.72
CA PHE A 238 -34.88 -1.17 18.10
C PHE A 238 -34.33 -1.30 19.52
N VAL A 239 -33.15 -0.72 19.72
CA VAL A 239 -32.48 -0.72 21.02
C VAL A 239 -32.45 0.71 21.55
N LYS A 240 -32.07 0.84 22.82
CA LYS A 240 -31.96 2.13 23.49
C LYS A 240 -30.50 2.41 23.81
N LEU A 241 -30.00 3.55 23.36
CA LEU A 241 -28.63 3.98 23.65
C LEU A 241 -28.71 5.13 24.65
N ASN A 242 -28.05 4.96 25.79
CA ASN A 242 -28.07 5.94 26.86
C ASN A 242 -26.64 6.27 27.31
N THR A 243 -26.48 7.45 27.90
CA THR A 243 -25.18 7.87 28.39
C THR A 243 -24.75 6.99 29.57
N ALA A 244 -23.45 6.75 29.65
CA ALA A 244 -22.86 5.94 30.70
C ALA A 244 -21.69 6.67 31.32
N PRO A 245 -21.40 6.42 32.61
CA PRO A 245 -20.26 7.09 33.24
C PRO A 245 -18.93 6.80 32.57
N ASP A 246 -18.74 5.59 32.05
CA ASP A 246 -17.50 5.23 31.37
C ASP A 246 -17.59 5.66 29.91
N GLY A 247 -16.61 5.25 29.12
CA GLY A 247 -16.55 5.56 27.70
C GLY A 247 -17.22 4.56 26.79
N HIS A 248 -17.93 3.58 27.35
CA HIS A 248 -18.59 2.54 26.57
C HIS A 248 -20.05 2.89 26.33
N LEU A 249 -20.66 2.18 25.39
CA LEU A 249 -22.05 2.39 25.01
C LEU A 249 -22.87 1.15 25.35
N ILE A 250 -24.09 1.37 25.84
CA ILE A 250 -24.98 0.30 26.25
C ILE A 250 -26.22 0.34 25.37
N LEU A 251 -26.55 -0.79 24.76
CA LEU A 251 -27.71 -0.92 23.89
C LEU A 251 -28.72 -1.85 24.55
N THR A 252 -29.90 -1.31 24.87
CA THR A 252 -30.97 -2.08 25.50
C THR A 252 -32.10 -2.28 24.49
N PRO A 253 -32.29 -3.47 23.94
CA PRO A 253 -33.39 -3.66 22.99
C PRO A 253 -34.74 -3.46 23.62
N SER A 254 -35.64 -2.82 22.88
CA SER A 254 -37.00 -2.58 23.34
C SER A 254 -37.87 -2.19 22.15
N GLN A 255 -38.97 -2.91 21.95
CA GLN A 255 -39.89 -2.63 20.86
C GLN A 255 -41.12 -1.85 21.32
N GLN A 256 -41.15 -1.40 22.58
CA GLN A 256 -42.26 -0.64 23.13
C GLN A 256 -41.91 0.85 23.28
N CYS A 257 -40.97 1.33 22.46
CA CYS A 257 -40.57 2.72 22.53
C CYS A 257 -41.67 3.63 22.00
N LEU A 258 -41.59 4.91 22.36
CA LEU A 258 -42.55 5.92 21.96
C LEU A 258 -41.89 6.94 21.05
N GLN A 259 -42.61 7.38 20.01
CA GLN A 259 -42.12 8.35 19.05
C GLN A 259 -40.79 7.90 18.43
N ASP A 260 -40.78 6.67 17.93
CA ASP A 260 -39.57 6.11 17.33
C ASP A 260 -39.19 6.87 16.08
N SER A 261 -37.90 7.04 15.87
CA SER A 261 -37.39 7.74 14.70
C SER A 261 -36.00 7.22 14.37
N LEU A 262 -35.60 7.42 13.11
CA LEU A 262 -34.27 7.04 12.65
C LEU A 262 -33.37 8.27 12.69
N ILE A 263 -32.26 8.16 13.41
CA ILE A 263 -31.36 9.28 13.62
C ILE A 263 -30.31 9.31 12.51
N ARG A 264 -30.22 10.45 11.83
CA ARG A 264 -29.24 10.65 10.77
C ARG A 264 -28.09 11.50 11.31
N LEU A 265 -26.88 10.95 11.26
CA LEU A 265 -25.69 11.63 11.76
C LEU A 265 -24.74 11.92 10.61
N GLN A 266 -24.14 13.11 10.62
CA GLN A 266 -23.13 13.51 9.66
C GLN A 266 -21.84 13.74 10.43
N CYS A 267 -21.09 12.66 10.66
CA CYS A 267 -19.85 12.76 11.42
C CYS A 267 -18.79 13.49 10.60
N ASN A 268 -18.05 14.38 11.27
CA ASN A 268 -17.00 15.12 10.60
C ASN A 268 -15.82 14.20 10.29
N HIS A 269 -15.00 14.63 9.33
CA HIS A 269 -13.82 13.86 8.96
C HIS A 269 -12.78 13.90 10.08
N LYS A 270 -11.91 12.89 10.09
CA LYS A 270 -10.87 12.79 11.10
C LYS A 270 -9.76 13.79 10.80
N SER A 271 -8.64 13.64 11.52
CA SER A 271 -7.48 14.48 11.27
C SER A 271 -6.97 14.27 9.85
N CYS A 272 -6.56 15.35 9.21
CA CYS A 272 -6.20 15.35 7.80
C CYS A 272 -4.95 16.20 7.63
N GLY A 273 -4.64 16.56 6.39
CA GLY A 273 -3.42 17.29 6.10
C GLY A 273 -3.47 18.76 6.47
N LYS A 274 -3.59 19.06 7.76
CA LYS A 274 -3.62 20.43 8.26
C LYS A 274 -2.21 20.82 8.68
N LYS A 275 -1.59 21.70 7.91
CA LYS A 275 -0.24 22.15 8.23
C LYS A 275 -0.25 23.04 9.48
N LEU A 276 0.78 22.89 10.30
CA LEU A 276 0.93 23.66 11.53
C LEU A 276 2.25 24.43 11.56
N ALA A 277 2.77 24.77 10.38
CA ALA A 277 4.02 25.51 10.31
C ALA A 277 3.84 26.93 10.83
N ALA A 278 4.82 27.41 11.59
CA ALA A 278 4.80 28.75 12.17
C ALA A 278 5.70 29.64 11.32
N GLN A 279 5.07 30.38 10.40
CA GLN A 279 5.79 31.29 9.52
C GLN A 279 5.10 32.65 9.52
N ASP A 280 5.89 33.71 9.37
CA ASP A 280 5.33 35.06 9.34
C ASP A 280 4.51 35.26 8.07
N ILE A 281 3.46 36.06 8.20
CA ILE A 281 2.55 36.36 7.10
C ILE A 281 2.97 37.70 6.49
N THR A 282 3.24 37.71 5.20
CA THR A 282 3.65 38.92 4.52
C THR A 282 2.45 39.83 4.32
N PRO A 283 2.49 41.08 4.78
CA PRO A 283 1.34 42.00 4.63
C PRO A 283 1.21 42.56 3.22
N LYS A 284 0.98 41.67 2.26
CA LYS A 284 0.80 42.07 0.87
C LYS A 284 -0.43 41.40 0.26
N ILE B 1 11.35 17.64 -6.41
CA ILE B 1 12.69 17.41 -5.89
C ILE B 1 13.72 18.17 -6.71
N VAL B 2 13.78 17.87 -8.01
CA VAL B 2 14.74 18.54 -8.89
C VAL B 2 14.30 19.98 -9.10
N GLY B 3 15.19 20.92 -8.79
CA GLY B 3 14.86 22.32 -8.93
C GLY B 3 13.91 22.85 -7.88
N GLY B 4 13.70 22.11 -6.80
CA GLY B 4 12.77 22.53 -5.76
C GLY B 4 13.38 23.54 -4.81
N SER B 5 12.60 23.87 -3.79
CA SER B 5 13.00 24.85 -2.78
C SER B 5 13.00 24.19 -1.41
N ASN B 6 13.78 24.76 -0.49
CA ASN B 6 13.85 24.25 0.86
C ASN B 6 12.52 24.42 1.58
N ALA B 7 12.10 23.39 2.30
CA ALA B 7 10.85 23.41 3.03
C ALA B 7 11.04 24.08 4.39
N LYS B 8 9.92 24.39 5.03
CA LYS B 8 9.92 24.99 6.36
C LYS B 8 9.62 23.93 7.41
N GLU B 9 9.81 24.30 8.68
CA GLU B 9 9.57 23.38 9.77
C GLU B 9 8.08 23.08 9.88
N GLY B 10 7.74 21.79 9.87
CA GLY B 10 6.36 21.38 9.91
C GLY B 10 5.59 21.58 8.63
N ALA B 11 6.27 21.88 7.53
CA ALA B 11 5.58 22.12 6.26
C ALA B 11 4.86 20.86 5.77
N TRP B 12 5.50 19.71 5.90
CA TRP B 12 4.94 18.44 5.43
C TRP B 12 5.02 17.41 6.56
N PRO B 13 4.13 17.53 7.55
CA PRO B 13 4.16 16.59 8.68
C PRO B 13 3.75 15.17 8.32
N TRP B 14 3.12 14.96 7.16
CA TRP B 14 2.63 13.66 6.77
C TRP B 14 3.62 12.86 5.91
N VAL B 15 4.83 13.37 5.73
CA VAL B 15 5.85 12.69 4.94
C VAL B 15 6.87 12.07 5.88
N VAL B 16 7.10 10.77 5.73
CA VAL B 16 8.02 10.03 6.57
C VAL B 16 9.01 9.29 5.70
N GLY B 17 10.15 8.94 6.29
CA GLY B 17 11.23 8.27 5.58
C GLY B 17 11.37 6.82 6.03
N LEU B 18 11.90 5.99 5.12
CA LEU B 18 12.10 4.57 5.37
C LEU B 18 13.58 4.26 5.20
N TYR B 19 14.18 3.66 6.23
CA TYR B 19 15.61 3.34 6.22
C TYR B 19 15.81 1.84 6.21
N TYR B 20 16.59 1.35 5.26
CA TYR B 20 16.97 -0.05 5.19
C TYR B 20 18.44 -0.14 4.85
N GLY B 21 19.19 -0.89 5.65
CA GLY B 21 20.62 -1.01 5.45
C GLY B 21 21.44 0.14 5.98
N GLY B 22 20.82 1.08 6.68
CA GLY B 22 21.52 2.21 7.24
C GLY B 22 21.38 3.51 6.48
N ARG B 23 20.78 3.48 5.29
CA ARG B 23 20.60 4.68 4.49
C ARG B 23 19.17 4.75 3.97
N LEU B 24 18.70 5.98 3.76
CA LEU B 24 17.36 6.19 3.21
C LEU B 24 17.28 5.64 1.79
N LEU B 25 16.21 4.92 1.50
CA LEU B 25 16.08 4.29 0.19
C LEU B 25 14.74 4.64 -0.47
N CYS B 26 13.71 4.87 0.33
CA CYS B 26 12.37 5.09 -0.22
C CYS B 26 11.57 5.91 0.77
N GLY B 27 10.64 6.71 0.25
CA GLY B 27 9.78 7.53 1.08
C GLY B 27 8.45 6.88 1.37
N ALA B 28 7.70 7.50 2.28
CA ALA B 28 6.38 7.00 2.67
C ALA B 28 5.57 8.16 3.25
N SER B 29 4.27 7.93 3.39
CA SER B 29 3.35 8.92 3.90
C SER B 29 2.54 8.34 5.06
N LEU B 30 2.27 9.17 6.05
CA LEU B 30 1.51 8.75 7.23
C LEU B 30 0.02 8.91 6.97
N VAL B 31 -0.74 7.84 7.22
CA VAL B 31 -2.19 7.86 6.99
C VAL B 31 -2.91 7.67 8.31
N SER B 32 -2.69 6.53 8.96
CA SER B 32 -3.32 6.19 10.22
C SER B 32 -2.27 6.14 11.33
N SER B 33 -2.70 5.70 12.52
CA SER B 33 -1.81 5.69 13.66
C SER B 33 -0.64 4.74 13.49
N ASP B 34 -0.84 3.64 12.75
CA ASP B 34 0.22 2.64 12.63
C ASP B 34 0.35 2.09 11.20
N TRP B 35 -0.02 2.88 10.20
CA TRP B 35 0.09 2.45 8.81
C TRP B 35 0.72 3.55 7.97
N LEU B 36 1.46 3.13 6.96
CA LEU B 36 2.10 4.03 6.01
C LEU B 36 1.83 3.55 4.59
N VAL B 37 1.90 4.49 3.64
CA VAL B 37 1.72 4.20 2.23
C VAL B 37 3.01 4.56 1.50
N SER B 38 3.50 3.64 0.69
CA SER B 38 4.73 3.84 -0.05
C SER B 38 4.65 3.11 -1.38
N ALA B 39 5.49 3.53 -2.32
CA ALA B 39 5.52 2.89 -3.63
C ALA B 39 5.99 1.45 -3.49
N ALA B 40 5.27 0.53 -4.15
CA ALA B 40 5.61 -0.89 -4.06
C ALA B 40 6.84 -1.25 -4.88
N ALA B 41 7.22 -0.42 -5.84
CA ALA B 41 8.38 -0.73 -6.68
C ALA B 41 9.66 -0.80 -5.87
N CYS B 42 9.84 0.15 -4.95
CA CYS B 42 11.08 0.17 -4.16
C CYS B 42 11.11 -0.97 -3.15
N VAL B 43 10.01 -1.17 -2.42
CA VAL B 43 9.94 -2.23 -1.41
C VAL B 43 9.34 -3.45 -2.10
N TYR B 44 10.20 -4.18 -2.81
CA TYR B 44 9.80 -5.42 -3.46
C TYR B 44 10.55 -6.62 -2.90
N GLY B 45 11.87 -6.57 -2.88
CA GLY B 45 12.68 -7.65 -2.36
C GLY B 45 13.06 -7.55 -0.91
N ARG B 46 12.66 -6.47 -0.22
CA ARG B 46 13.03 -6.23 1.17
C ARG B 46 11.85 -6.37 2.12
N ASN B 47 10.75 -6.97 1.68
CA ASN B 47 9.55 -7.11 2.49
C ASN B 47 9.57 -8.35 3.37
N LEU B 48 10.52 -9.26 3.17
CA LEU B 48 10.57 -10.49 3.95
C LEU B 48 11.20 -10.31 5.31
N GLU B 49 11.90 -9.20 5.55
CA GLU B 49 12.54 -8.91 6.83
C GLU B 49 12.17 -7.50 7.26
N PRO B 50 10.94 -7.29 7.73
CA PRO B 50 10.54 -5.95 8.19
C PRO B 50 11.33 -5.47 9.40
N SER B 51 11.94 -6.37 10.16
CA SER B 51 12.67 -5.96 11.35
C SER B 51 13.86 -5.08 11.01
N LYS B 52 14.46 -5.27 9.83
CA LYS B 52 15.60 -4.46 9.41
C LYS B 52 15.20 -3.11 8.86
N TRP B 53 13.90 -2.85 8.71
CA TRP B 53 13.42 -1.56 8.22
C TRP B 53 13.19 -0.63 9.40
N THR B 54 13.71 0.59 9.30
CA THR B 54 13.56 1.61 10.33
C THR B 54 12.67 2.72 9.80
N ALA B 55 11.61 3.03 10.54
CA ALA B 55 10.68 4.09 10.17
C ALA B 55 11.07 5.37 10.90
N ILE B 56 11.28 6.44 10.14
CA ILE B 56 11.69 7.73 10.69
C ILE B 56 10.54 8.71 10.52
N LEU B 57 10.15 9.35 11.62
CA LEU B 57 9.02 10.27 11.63
C LEU B 57 9.52 11.71 11.69
N GLY B 58 8.99 12.56 10.81
CA GLY B 58 9.36 13.95 10.79
C GLY B 58 10.81 14.20 10.44
N LEU B 59 11.31 13.50 9.40
CA LEU B 59 12.69 13.66 8.96
C LEU B 59 12.80 14.91 8.08
N HIS B 60 12.61 16.06 8.72
CA HIS B 60 12.75 17.33 8.02
C HIS B 60 14.18 17.55 7.55
N MET B 61 15.15 17.24 8.40
CA MET B 61 16.57 17.29 8.05
C MET B 61 17.14 15.88 8.14
N LYS B 62 17.81 15.44 7.08
CA LYS B 62 18.41 14.11 7.04
C LYS B 62 19.61 13.98 7.96
N SER B 63 20.20 15.08 8.40
CA SER B 63 21.37 15.02 9.27
C SER B 63 21.03 14.75 10.73
N ASN B 64 19.77 14.91 11.12
CA ASN B 64 19.32 14.66 12.48
C ASN B 64 18.34 13.49 12.47
N LEU B 65 18.74 12.37 13.07
CA LEU B 65 17.90 11.18 13.17
C LEU B 65 17.55 10.91 14.63
N THR B 66 18.49 11.13 15.55
CA THR B 66 18.27 10.94 16.98
C THR B 66 17.80 12.20 17.69
N SER B 67 17.53 13.28 16.94
CA SER B 67 17.08 14.52 17.54
C SER B 67 15.72 14.33 18.20
N PRO B 68 15.43 15.10 19.25
CA PRO B 68 14.13 14.96 19.92
C PRO B 68 12.95 15.22 19.01
N GLN B 69 13.09 16.08 18.01
CA GLN B 69 12.01 16.33 17.06
C GLN B 69 11.72 15.15 16.16
N THR B 70 12.63 14.16 16.09
CA THR B 70 12.46 12.98 15.26
C THR B 70 12.15 11.79 16.15
N VAL B 71 11.08 11.07 15.82
CA VAL B 71 10.63 9.92 16.59
C VAL B 71 10.98 8.65 15.80
N PRO B 72 11.95 7.86 16.25
CA PRO B 72 12.26 6.61 15.54
C PRO B 72 11.15 5.58 15.71
N ARG B 73 10.99 4.76 14.67
CA ARG B 73 9.99 3.70 14.68
C ARG B 73 10.52 2.51 13.89
N LEU B 74 9.92 1.35 14.12
CA LEU B 74 10.29 0.11 13.45
C LEU B 74 9.09 -0.43 12.67
N ILE B 75 9.40 -1.10 11.56
CA ILE B 75 8.38 -1.68 10.71
C ILE B 75 8.13 -3.12 11.14
N ASP B 76 6.85 -3.47 11.31
CA ASP B 76 6.46 -4.80 11.75
C ASP B 76 5.95 -5.67 10.61
N GLU B 77 5.05 -5.14 9.78
CA GLU B 77 4.46 -5.89 8.69
C GLU B 77 4.46 -5.04 7.43
N ILE B 78 4.77 -5.66 6.30
CA ILE B 78 4.80 -5.00 5.00
C ILE B 78 3.79 -5.70 4.09
N VAL B 79 2.87 -4.92 3.53
CA VAL B 79 1.83 -5.42 2.64
C VAL B 79 2.00 -4.76 1.28
N ILE B 80 2.07 -5.58 0.23
CA ILE B 80 2.22 -5.11 -1.14
C ILE B 80 0.91 -5.35 -1.88
N ASN B 81 0.54 -4.43 -2.76
CA ASN B 81 -0.68 -4.58 -3.52
C ASN B 81 -0.59 -5.83 -4.38
N PRO B 82 -1.57 -6.74 -4.31
CA PRO B 82 -1.48 -7.98 -5.09
C PRO B 82 -1.38 -7.76 -6.59
N HIS B 83 -2.08 -6.76 -7.12
CA HIS B 83 -2.14 -6.57 -8.57
C HIS B 83 -0.93 -5.81 -9.08
N TYR B 84 0.27 -6.29 -8.73
CA TYR B 84 1.53 -5.68 -9.15
C TYR B 84 2.28 -6.65 -10.05
N ASN B 85 2.91 -6.12 -11.10
CA ASN B 85 3.56 -6.94 -12.11
C ASN B 85 5.05 -6.67 -12.27
N ARG B 86 5.52 -5.46 -11.97
CA ARG B 86 6.92 -5.06 -12.14
C ARG B 86 7.31 -5.01 -13.61
N ARG B 87 6.38 -5.37 -14.49
CA ARG B 87 6.60 -5.31 -15.93
C ARG B 87 5.95 -4.08 -16.56
N ARG B 88 4.70 -3.82 -16.22
CA ARG B 88 4.01 -2.60 -16.63
C ARG B 88 4.13 -1.48 -15.60
N LYS B 89 4.78 -1.75 -14.47
CA LYS B 89 4.91 -0.78 -13.38
C LYS B 89 3.54 -0.26 -12.92
N ASP B 90 2.58 -1.17 -12.85
CA ASP B 90 1.21 -0.83 -12.51
C ASP B 90 0.92 -1.20 -11.05
N ASN B 91 0.10 -0.37 -10.41
CA ASN B 91 -0.30 -0.58 -9.01
C ASN B 91 0.91 -0.66 -8.09
N ALA B 92 1.84 0.27 -8.26
CA ALA B 92 3.04 0.33 -7.43
C ALA B 92 2.74 1.08 -6.13
N ILE B 93 1.92 0.45 -5.31
CA ILE B 93 1.53 0.99 -4.01
C ILE B 93 1.63 -0.12 -2.97
N ALA B 94 2.23 0.21 -1.82
CA ALA B 94 2.40 -0.74 -0.74
C ALA B 94 2.00 -0.10 0.57
N MET B 95 1.59 -0.95 1.51
CA MET B 95 1.19 -0.52 2.84
C MET B 95 2.08 -1.19 3.89
N MET B 96 2.56 -0.42 4.85
CA MET B 96 3.46 -0.90 5.88
C MET B 96 2.86 -0.67 7.25
N HIS B 97 3.00 -1.65 8.14
CA HIS B 97 2.42 -1.60 9.48
C HIS B 97 3.49 -1.25 10.48
N LEU B 98 3.24 -0.21 11.28
CA LEU B 98 4.17 0.22 12.30
C LEU B 98 4.06 -0.68 13.54
N GLU B 99 5.20 -0.96 14.16
CA GLU B 99 5.22 -1.85 15.32
C GLU B 99 4.45 -1.26 16.49
N PHE B 100 4.59 0.04 16.73
CA PHE B 100 3.93 0.71 17.84
C PHE B 100 3.08 1.87 17.31
N LYS B 101 2.05 2.22 18.08
CA LYS B 101 1.20 3.34 17.72
C LYS B 101 2.00 4.65 17.74
N VAL B 102 1.66 5.53 16.81
CA VAL B 102 2.37 6.80 16.64
C VAL B 102 1.43 7.92 17.06
N ASN B 103 1.88 8.76 18.00
CA ASN B 103 1.12 9.91 18.43
C ASN B 103 1.15 11.01 17.38
N TYR B 104 0.15 11.89 17.42
CA TYR B 104 0.12 13.02 16.52
C TYR B 104 0.51 14.29 17.26
N THR B 105 1.41 15.06 16.64
CA THR B 105 1.90 16.30 17.23
C THR B 105 1.90 17.37 16.13
N ASP B 106 2.53 18.51 16.43
CA ASP B 106 2.58 19.60 15.46
C ASP B 106 3.35 19.19 14.20
N TYR B 107 4.45 18.48 14.37
CA TYR B 107 5.30 18.08 13.25
C TYR B 107 4.99 16.66 12.75
N ILE B 108 4.01 15.98 13.34
CA ILE B 108 3.60 14.65 12.90
C ILE B 108 2.08 14.67 12.78
N GLN B 109 1.59 14.73 11.55
CA GLN B 109 0.16 14.75 11.29
C GLN B 109 -0.18 13.76 10.18
N PRO B 110 -1.37 13.20 10.19
CA PRO B 110 -1.79 12.27 9.13
C PRO B 110 -2.13 13.03 7.86
N ILE B 111 -2.57 12.29 6.84
CA ILE B 111 -2.94 12.85 5.55
C ILE B 111 -4.30 12.32 5.15
N CYS B 112 -4.98 13.07 4.31
CA CYS B 112 -6.29 12.67 3.81
C CYS B 112 -6.16 11.56 2.77
N LEU B 113 -7.30 10.99 2.40
CA LEU B 113 -7.37 9.99 1.35
C LEU B 113 -8.48 10.38 0.39
N PRO B 114 -8.36 10.07 -0.90
CA PRO B 114 -9.42 10.41 -1.85
C PRO B 114 -10.70 9.64 -1.53
N GLU B 115 -11.83 10.27 -1.81
CA GLU B 115 -13.14 9.66 -1.61
C GLU B 115 -13.70 9.17 -2.95
N GLU B 116 -14.91 8.63 -2.90
CA GLU B 116 -15.56 8.14 -4.09
C GLU B 116 -15.93 9.29 -5.02
N ASN B 117 -15.71 9.09 -6.33
CA ASN B 117 -16.01 10.10 -7.35
C ASN B 117 -15.29 11.42 -7.06
N GLN B 118 -14.04 11.32 -6.60
CA GLN B 118 -13.21 12.49 -6.30
C GLN B 118 -12.01 12.44 -7.24
N VAL B 119 -12.11 13.11 -8.37
CA VAL B 119 -11.06 13.13 -9.39
C VAL B 119 -10.63 14.58 -9.57
N PHE B 120 -9.33 14.83 -9.41
CA PHE B 120 -8.81 16.18 -9.61
C PHE B 120 -8.75 16.50 -11.10
N PRO B 121 -9.37 17.59 -11.54
CA PRO B 121 -9.31 17.92 -12.96
C PRO B 121 -7.90 18.31 -13.37
N PRO B 122 -7.53 18.07 -14.63
CA PRO B 122 -6.19 18.45 -15.08
C PRO B 122 -6.01 19.96 -15.11
N GLY B 123 -4.75 20.38 -14.97
CA GLY B 123 -4.39 21.78 -14.95
C GLY B 123 -4.29 22.41 -13.58
N ARG B 124 -4.26 21.60 -12.52
CA ARG B 124 -4.21 22.10 -11.15
C ARG B 124 -2.80 21.88 -10.60
N ASN B 125 -2.24 22.91 -9.98
CA ASN B 125 -0.96 22.75 -9.27
C ASN B 125 -1.11 21.73 -8.16
N CYS B 126 -0.13 20.84 -8.04
CA CYS B 126 -0.08 19.90 -6.93
C CYS B 126 1.35 19.78 -6.43
N SER B 127 1.49 19.70 -5.11
CA SER B 127 2.79 19.73 -4.46
C SER B 127 3.43 18.34 -4.42
N ILE B 128 4.75 18.32 -4.51
CA ILE B 128 5.53 17.10 -4.39
C ILE B 128 6.69 17.36 -3.43
N ALA B 129 7.20 16.29 -2.85
CA ALA B 129 8.30 16.38 -1.91
C ALA B 129 9.08 15.08 -1.91
N GLY B 130 10.33 15.16 -1.45
CA GLY B 130 11.18 13.99 -1.37
C GLY B 130 12.60 14.39 -1.09
N TRP B 131 13.40 13.39 -0.71
CA TRP B 131 14.81 13.57 -0.40
C TRP B 131 15.71 13.02 -1.49
N GLY B 132 15.20 12.88 -2.71
CA GLY B 132 15.97 12.34 -3.80
C GLY B 132 16.95 13.34 -4.38
N THR B 133 17.71 12.87 -5.38
CA THR B 133 18.72 13.71 -6.02
C THR B 133 18.06 14.88 -6.73
N VAL B 134 18.61 16.07 -6.54
CA VAL B 134 18.07 17.29 -7.15
C VAL B 134 18.80 17.70 -8.42
N VAL B 135 19.93 17.08 -8.73
CA VAL B 135 20.72 17.42 -9.91
C VAL B 135 20.91 16.24 -10.84
N TYR B 136 20.29 15.10 -10.56
CA TYR B 136 20.30 13.88 -11.37
C TYR B 136 21.67 13.20 -11.39
N GLN B 137 22.71 13.79 -10.80
CA GLN B 137 24.04 13.20 -10.82
C GLN B 137 24.61 13.09 -9.41
N GLY B 138 24.27 14.03 -8.55
CA GLY B 138 24.81 14.10 -7.20
C GLY B 138 24.01 13.31 -6.19
N THR B 139 24.09 13.74 -4.94
CA THR B 139 23.38 13.11 -3.84
C THR B 139 22.71 14.17 -2.98
N THR B 140 21.65 13.77 -2.29
CA THR B 140 20.90 14.65 -1.41
C THR B 140 21.06 14.19 0.03
N ALA B 141 21.70 15.03 0.85
CA ALA B 141 21.88 14.78 2.27
C ALA B 141 21.62 16.05 3.06
N ASN B 142 20.55 16.75 2.72
CA ASN B 142 20.29 18.08 3.27
C ASN B 142 18.79 18.19 3.55
N ILE B 143 18.32 19.42 3.74
CA ILE B 143 16.92 19.67 4.09
C ILE B 143 16.00 19.09 3.01
N LEU B 144 14.78 18.74 3.43
CA LEU B 144 13.78 18.21 2.52
C LEU B 144 13.46 19.22 1.42
N GLN B 145 13.35 18.71 0.19
CA GLN B 145 13.06 19.54 -0.97
C GLN B 145 11.60 19.43 -1.34
N GLU B 146 10.99 20.57 -1.66
CA GLU B 146 9.58 20.63 -2.02
C GLU B 146 9.42 21.33 -3.36
N ALA B 147 8.39 20.93 -4.11
CA ALA B 147 8.12 21.51 -5.41
C ALA B 147 6.63 21.35 -5.72
N ASP B 148 6.17 22.13 -6.68
CA ASP B 148 4.77 22.10 -7.13
C ASP B 148 4.73 21.86 -8.63
N VAL B 149 3.93 20.90 -9.05
CA VAL B 149 3.81 20.55 -10.47
C VAL B 149 2.33 20.49 -10.86
N PRO B 150 1.99 20.82 -12.10
CA PRO B 150 0.59 20.73 -12.53
C PRO B 150 0.24 19.34 -13.06
N LEU B 151 -1.03 19.00 -12.90
CA LEU B 151 -1.54 17.72 -13.37
C LEU B 151 -1.72 17.75 -14.89
N LEU B 152 -1.22 16.71 -15.56
CA LEU B 152 -1.30 16.61 -17.00
C LEU B 152 -2.20 15.44 -17.39
N SER B 153 -2.98 15.63 -18.45
CA SER B 153 -3.88 14.58 -18.92
C SER B 153 -3.07 13.39 -19.43
N ASN B 154 -3.61 12.18 -19.20
CA ASN B 154 -2.93 10.96 -19.63
C ASN B 154 -2.86 10.85 -21.15
N GLU B 155 -3.76 11.52 -21.88
CA GLU B 155 -3.70 11.47 -23.34
C GLU B 155 -2.40 12.05 -23.85
N ARG B 156 -1.97 13.20 -23.30
CA ARG B 156 -0.68 13.75 -23.66
C ARG B 156 0.47 12.97 -23.02
N CYS B 157 0.23 12.36 -21.86
CA CYS B 157 1.27 11.60 -21.19
C CYS B 157 1.68 10.38 -22.00
N GLN B 158 0.72 9.70 -22.61
CA GLN B 158 1.05 8.56 -23.47
C GLN B 158 1.87 8.99 -24.67
N GLN B 159 1.51 10.13 -25.28
CA GLN B 159 2.22 10.59 -26.47
C GLN B 159 3.63 11.04 -26.12
N GLN B 160 3.80 11.76 -25.01
CA GLN B 160 5.12 12.30 -24.68
C GLN B 160 6.08 11.20 -24.24
N MET B 161 5.54 10.10 -23.72
CA MET B 161 6.35 8.95 -23.29
C MET B 161 5.77 7.68 -23.94
N PRO B 162 6.09 7.45 -25.21
CA PRO B 162 5.56 6.26 -25.92
C PRO B 162 6.30 4.98 -25.55
N GLU B 163 6.18 4.60 -24.28
CA GLU B 163 6.82 3.37 -23.79
C GLU B 163 5.89 2.47 -22.97
N TYR B 164 4.81 3.00 -22.42
CA TYR B 164 3.90 2.22 -21.59
C TYR B 164 2.45 2.55 -21.95
N ASN B 165 1.56 1.60 -21.67
CA ASN B 165 0.14 1.79 -21.91
C ASN B 165 -0.47 2.87 -21.01
N ILE B 166 0.14 3.15 -19.86
CA ILE B 166 -0.30 4.19 -18.93
C ILE B 166 -1.71 3.90 -18.43
N THR B 167 -2.69 3.91 -19.35
CA THR B 167 -4.10 3.66 -19.04
C THR B 167 -4.62 4.69 -18.05
N GLU B 168 -5.74 4.37 -17.39
CA GLU B 168 -6.40 5.27 -16.46
C GLU B 168 -5.97 5.06 -15.01
N ASN B 169 -5.01 4.16 -14.76
CA ASN B 169 -4.54 3.88 -13.42
C ASN B 169 -3.35 4.74 -13.02
N MET B 170 -2.88 5.61 -13.90
CA MET B 170 -1.73 6.45 -13.63
C MET B 170 -2.08 7.91 -13.87
N ILE B 171 -1.45 8.79 -13.11
CA ILE B 171 -1.60 10.24 -13.26
C ILE B 171 -0.22 10.85 -13.43
N CYS B 172 -0.07 11.69 -14.46
CA CYS B 172 1.20 12.29 -14.80
C CYS B 172 1.20 13.78 -14.45
N ALA B 173 2.26 14.22 -13.79
CA ALA B 173 2.40 15.62 -13.41
C ALA B 173 3.82 16.08 -13.73
N GLY B 174 3.92 17.30 -14.24
CA GLY B 174 5.21 17.85 -14.60
C GLY B 174 5.05 19.08 -15.47
N TYR B 175 6.19 19.59 -15.93
CA TYR B 175 6.24 20.78 -16.77
C TYR B 175 6.79 20.42 -18.14
N GLU B 176 6.14 20.96 -19.19
CA GLU B 176 6.59 20.70 -20.55
C GLU B 176 7.97 21.28 -20.81
N GLU B 177 8.33 22.37 -20.14
CA GLU B 177 9.65 22.95 -20.27
C GLU B 177 10.72 22.20 -19.47
N GLY B 178 10.31 21.27 -18.61
CA GLY B 178 11.26 20.50 -17.83
C GLY B 178 11.86 21.30 -16.68
N GLY B 179 12.84 20.67 -16.03
CA GLY B 179 13.56 21.27 -14.93
C GLY B 179 13.06 20.88 -13.55
N ILE B 180 11.84 20.37 -13.45
CA ILE B 180 11.26 19.95 -12.18
C ILE B 180 10.88 18.48 -12.29
N ASP B 181 11.40 17.66 -11.37
CA ASP B 181 11.09 16.24 -11.36
C ASP B 181 11.35 15.70 -9.97
N SER B 182 10.75 14.54 -9.69
CA SER B 182 10.90 13.91 -8.38
C SER B 182 11.06 12.39 -8.47
N CYS B 183 11.51 11.87 -9.62
CA CYS B 183 11.62 10.43 -9.84
C CYS B 183 13.05 9.94 -9.81
N GLN B 184 13.90 10.56 -8.98
CA GLN B 184 15.30 10.15 -8.86
C GLN B 184 15.65 10.03 -7.38
N GLY B 185 16.35 8.96 -7.03
CA GLY B 185 16.80 8.75 -5.67
C GLY B 185 15.71 8.26 -4.73
N ASP B 186 14.75 9.13 -4.43
CA ASP B 186 13.66 8.81 -3.52
C ASP B 186 12.37 8.71 -4.33
N ALA B 187 11.99 7.49 -4.68
CA ALA B 187 10.79 7.24 -5.47
C ALA B 187 9.56 7.01 -4.60
N GLY B 188 9.68 7.08 -3.28
CA GLY B 188 8.58 6.89 -2.38
C GLY B 188 7.82 8.16 -2.00
N GLY B 189 8.18 9.29 -2.59
CA GLY B 189 7.52 10.54 -2.30
C GLY B 189 6.07 10.55 -2.76
N PRO B 190 5.22 11.27 -2.05
CA PRO B 190 3.81 11.35 -2.42
C PRO B 190 3.52 12.51 -3.35
N LEU B 191 2.44 12.35 -4.12
CA LEU B 191 1.88 13.43 -4.92
C LEU B 191 0.74 14.05 -4.13
N MET B 192 0.87 15.33 -3.81
CA MET B 192 -0.04 16.02 -2.92
C MET B 192 -0.72 17.16 -3.65
N CYS B 193 -2.05 17.16 -3.65
CA CYS B 193 -2.85 18.24 -4.21
C CYS B 193 -3.54 18.99 -3.08
N GLN B 194 -4.24 20.06 -3.46
CA GLN B 194 -4.90 20.94 -2.50
C GLN B 194 -6.38 21.05 -2.84
N GLU B 195 -7.20 20.24 -2.18
CA GLU B 195 -8.65 20.34 -2.26
C GLU B 195 -9.17 20.93 -0.96
N ASN B 196 -9.57 22.20 -1.02
CA ASN B 196 -9.93 23.00 0.15
C ASN B 196 -8.75 23.15 1.09
N ASN B 197 -8.91 23.90 2.17
CA ASN B 197 -7.82 24.14 3.10
C ASN B 197 -7.68 22.98 4.08
N ARG B 198 -7.62 21.76 3.56
CA ARG B 198 -7.41 20.58 4.39
C ARG B 198 -6.35 19.68 3.77
N TRP B 199 -6.07 19.87 2.48
CA TRP B 199 -5.08 19.13 1.72
C TRP B 199 -5.51 17.68 1.50
N PHE B 200 -4.90 17.02 0.51
CA PHE B 200 -5.29 15.66 0.15
C PHE B 200 -4.08 14.93 -0.39
N LEU B 201 -4.21 13.61 -0.47
CA LEU B 201 -3.21 12.73 -1.06
C LEU B 201 -3.68 12.35 -2.46
N ALA B 202 -2.84 12.62 -3.46
CA ALA B 202 -3.24 12.35 -4.83
C ALA B 202 -2.58 11.09 -5.37
N GLY B 203 -1.27 10.98 -5.22
CA GLY B 203 -0.57 9.83 -5.77
C GLY B 203 0.75 9.60 -5.07
N VAL B 204 1.44 8.56 -5.53
CA VAL B 204 2.76 8.19 -5.03
C VAL B 204 3.73 8.18 -6.21
N THR B 205 4.95 8.66 -5.96
CA THR B 205 5.94 8.74 -7.02
C THR B 205 6.24 7.35 -7.58
N SER B 206 6.46 7.29 -8.89
CA SER B 206 6.67 6.03 -9.59
C SER B 206 7.78 6.26 -10.61
N PHE B 207 7.90 5.34 -11.56
CA PHE B 207 8.97 5.37 -12.55
C PHE B 207 8.94 6.67 -13.34
N GLY B 208 10.14 7.19 -13.60
CA GLY B 208 10.29 8.37 -14.44
C GLY B 208 11.44 8.17 -15.39
N TYR B 209 11.28 8.67 -16.62
CA TYR B 209 12.28 8.45 -17.65
C TYR B 209 13.59 9.15 -17.28
N LYS B 210 13.56 10.47 -17.15
CA LYS B 210 14.76 11.23 -16.82
C LYS B 210 14.35 12.58 -16.26
N CYS B 211 15.02 12.99 -15.19
CA CYS B 211 14.72 14.29 -14.59
C CYS B 211 15.22 15.42 -15.48
N ALA B 212 14.46 16.53 -15.48
CA ALA B 212 14.75 17.76 -16.19
C ALA B 212 14.79 17.56 -17.71
N LEU B 213 14.44 16.38 -18.21
CA LEU B 213 14.37 16.17 -19.64
C LEU B 213 13.15 16.90 -20.21
N PRO B 214 13.31 17.60 -21.35
CA PRO B 214 12.19 18.35 -21.91
C PRO B 214 10.98 17.50 -22.22
N ASN B 215 9.82 17.92 -21.70
CA ASN B 215 8.54 17.26 -21.95
C ASN B 215 8.58 15.79 -21.55
N ARG B 216 9.26 15.52 -20.44
CA ARG B 216 9.40 14.17 -19.88
C ARG B 216 9.09 14.19 -18.39
N PRO B 217 7.81 14.27 -18.03
CA PRO B 217 7.45 14.34 -16.60
C PRO B 217 7.45 12.96 -15.96
N GLY B 218 7.15 12.96 -14.66
CA GLY B 218 7.09 11.73 -13.91
C GLY B 218 5.73 11.04 -14.00
N VAL B 219 5.64 9.90 -13.33
CA VAL B 219 4.43 9.08 -13.31
C VAL B 219 4.02 8.86 -11.86
N TYR B 220 2.72 8.97 -11.58
CA TYR B 220 2.18 8.75 -10.25
C TYR B 220 0.99 7.81 -10.33
N ALA B 221 0.77 7.07 -9.26
CA ALA B 221 -0.34 6.12 -9.18
C ALA B 221 -1.50 6.73 -8.40
N ARG B 222 -2.68 6.74 -9.01
CA ARG B 222 -3.85 7.38 -8.42
C ARG B 222 -4.27 6.64 -7.16
N VAL B 223 -4.18 7.31 -6.01
CA VAL B 223 -4.64 6.70 -4.75
C VAL B 223 -6.16 6.53 -4.77
N SER B 224 -6.86 7.32 -5.60
CA SER B 224 -8.32 7.25 -5.64
C SER B 224 -8.80 5.87 -6.06
N ARG B 225 -7.99 5.12 -6.81
CA ARG B 225 -8.34 3.76 -7.20
C ARG B 225 -7.81 2.72 -6.24
N PHE B 226 -7.13 3.12 -5.16
CA PHE B 226 -6.67 2.20 -4.13
C PHE B 226 -7.24 2.54 -2.76
N THR B 227 -8.22 3.45 -2.68
CA THR B 227 -8.77 3.84 -1.39
C THR B 227 -9.44 2.66 -0.69
N GLU B 228 -10.20 1.85 -1.42
CA GLU B 228 -10.86 0.71 -0.80
C GLU B 228 -9.87 -0.28 -0.23
N TRP B 229 -8.79 -0.57 -0.99
CA TRP B 229 -7.80 -1.52 -0.50
C TRP B 229 -7.10 -1.00 0.75
N ILE B 230 -6.78 0.29 0.78
CA ILE B 230 -6.13 0.87 1.96
C ILE B 230 -7.07 0.82 3.16
N GLN B 231 -8.34 1.20 2.96
CA GLN B 231 -9.29 1.23 4.06
C GLN B 231 -9.73 -0.16 4.50
N SER B 232 -9.48 -1.19 3.69
CA SER B 232 -9.85 -2.54 4.08
C SER B 232 -9.13 -2.98 5.36
N PHE B 233 -7.93 -2.46 5.61
CA PHE B 233 -7.19 -2.79 6.83
C PHE B 233 -6.60 -1.54 7.49
N LEU B 234 -7.16 -0.37 7.21
CA LEU B 234 -6.65 0.86 7.84
C LEU B 234 -6.93 0.87 9.34
N HIS B 235 -8.13 0.45 9.73
CA HIS B 235 -8.58 0.42 11.13
C HIS B 235 -8.23 1.68 11.92
C1 NAG C . 5.97 -34.36 -17.09
C2 NAG C . 7.25 -35.16 -17.32
C3 NAG C . 7.32 -35.60 -18.79
C4 NAG C . 6.02 -36.26 -19.24
C5 NAG C . 4.78 -35.47 -18.80
C6 NAG C . 3.49 -36.21 -19.01
C7 NAG C . 8.80 -33.24 -17.49
C8 NAG C . 10.06 -32.64 -16.95
N2 NAG C . 8.43 -34.40 -16.94
O3 NAG C . 8.41 -36.50 -18.94
O4 NAG C . 6.05 -36.30 -20.67
O5 NAG C . 4.85 -35.15 -17.40
O6 NAG C . 3.44 -37.40 -18.23
O7 NAG C . 8.15 -32.70 -18.38
C1 NAG C . 5.68 -37.57 -21.23
C2 NAG C . 5.31 -37.30 -22.69
C3 NAG C . 4.89 -38.59 -23.38
C4 NAG C . 5.98 -39.64 -23.23
C5 NAG C . 6.36 -39.82 -21.76
C6 NAG C . 7.53 -40.74 -21.55
C7 NAG C . 4.28 -35.30 -23.68
C8 NAG C . 3.12 -34.35 -23.64
N2 NAG C . 4.26 -36.29 -22.79
O3 NAG C . 4.63 -38.31 -24.75
O4 NAG C . 5.53 -40.90 -23.72
O5 NAG C . 6.73 -38.55 -21.19
O6 NAG C . 7.30 -42.02 -22.15
O7 NAG C . 5.20 -35.17 -24.48
C1 BMA C . 5.84 -41.05 -25.13
C2 BMA C . 6.06 -42.55 -25.43
C3 BMA C . 6.16 -42.77 -26.96
C4 BMA C . 5.03 -42.06 -27.72
C5 BMA C . 4.97 -40.58 -27.32
C6 BMA C . 3.82 -39.83 -27.96
O2 BMA C . 4.95 -43.32 -24.99
O3 BMA C . 6.19 -44.14 -27.28
O4 BMA C . 5.24 -42.17 -29.11
O5 BMA C . 4.78 -40.51 -25.91
O6 BMA C . 3.94 -39.87 -29.39
C1 MAN C . 4.79 -38.81 -29.87
C2 MAN C . 4.39 -37.44 -29.20
C3 MAN C . 3.13 -36.85 -29.82
C4 MAN C . 3.22 -36.85 -31.35
C5 MAN C . 3.46 -38.29 -31.84
C6 MAN C . 3.54 -38.40 -33.34
O2 MAN C . 5.41 -36.45 -29.37
O3 MAN C . 2.86 -35.54 -29.35
O4 MAN C . 2.01 -36.37 -31.91
O5 MAN C . 4.72 -38.74 -31.30
O6 MAN C . 3.33 -39.76 -33.70
C1 NAG D . 6.93 -32.98 -2.20
C2 NAG D . 5.71 -32.76 -1.32
C3 NAG D . 6.07 -33.05 0.14
C4 NAG D . 6.70 -34.42 0.28
C5 NAG D . 7.83 -34.63 -0.74
C6 NAG D . 8.35 -36.05 -0.78
C7 NAG D . 3.87 -31.15 -1.41
C8 NAG D . 3.47 -29.72 -1.58
N2 NAG D . 5.17 -31.42 -1.47
O3 NAG D . 4.89 -32.95 0.93
O4 NAG D . 7.30 -34.54 1.57
O5 NAG D . 7.38 -34.31 -2.07
O6 NAG D . 9.12 -36.34 0.37
O7 NAG D . 3.03 -32.03 -1.21
C1 NAG D . 6.44 -35.06 2.59
C2 NAG D . 6.81 -36.51 2.91
C3 NAG D . 6.03 -37.01 4.13
C4 NAG D . 6.25 -36.06 5.30
C5 NAG D . 5.80 -34.66 4.90
C6 NAG D . 6.01 -33.63 5.97
C7 NAG D . 7.22 -38.52 1.56
C8 NAG D . 6.84 -39.28 0.32
N2 NAG D . 6.56 -37.37 1.77
O3 NAG D . 6.47 -38.31 4.48
O4 NAG D . 5.53 -36.51 6.45
O5 NAG D . 6.58 -34.24 3.76
O6 NAG D . 5.16 -32.51 5.81
O7 NAG D . 8.08 -38.92 2.33
C1 BMA D . 6.52 -36.87 7.44
C2 BMA D . 6.29 -36.04 8.72
C3 BMA D . 7.28 -36.47 9.80
C4 BMA D . 7.30 -38.00 9.99
C5 BMA D . 7.51 -38.70 8.63
C6 BMA D . 7.47 -40.21 8.74
O2 BMA D . 4.99 -36.26 9.24
O3 BMA D . 7.02 -35.82 11.04
O4 BMA D . 8.34 -38.36 10.87
O5 BMA D . 6.47 -38.27 7.74
O6 BMA D . 8.38 -40.61 9.74
C1 NAG E . -34.18 2.93 2.83
C2 NAG E . -35.36 2.58 3.73
C3 NAG E . -36.66 2.52 2.91
C4 NAG E . -36.84 3.81 2.10
C5 NAG E . -35.58 4.06 1.26
C6 NAG E . -35.65 5.36 0.48
C7 NAG E . -35.58 1.09 5.67
C8 NAG E . -35.26 -0.26 6.23
N2 NAG E . -35.15 1.32 4.43
O3 NAG E . -37.74 2.38 3.82
O4 NAG E . -37.98 3.78 1.26
O5 NAG E . -34.45 4.14 2.12
O6 NAG E . -34.56 5.48 -0.41
O7 NAG E . -36.21 1.93 6.31
C1 NAG E . -38.45 2.47 0.86
C2 NAG E . -39.98 2.57 0.73
C3 NAG E . -40.55 1.22 0.30
C4 NAG E . -39.88 0.72 -0.97
C5 NAG E . -38.36 0.73 -0.79
C6 NAG E . -37.61 0.39 -2.06
C7 NAG E . -40.59 2.39 3.12
C8 NAG E . -41.30 3.06 4.25
N2 NAG E . -40.61 3.05 1.94
O3 NAG E . -41.96 1.37 0.09
O4 NAG E . -40.29 -0.60 -1.25
O5 NAG E . -37.89 2.03 -0.37
O6 NAG E . -36.23 0.66 -1.94
O7 NAG E . -40.01 1.31 3.26
C1 BMA E . -41.41 -0.65 -2.16
C2 BMA E . -41.48 -2.09 -2.74
C3 BMA E . -42.81 -2.33 -3.47
C4 BMA E . -44.01 -1.83 -2.66
C5 BMA E . -43.80 -0.36 -2.30
C6 BMA E . -44.95 0.21 -1.48
O2 BMA E . -41.42 -3.04 -1.69
O3 BMA E . -43.00 -3.70 -3.78
O4 BMA E . -45.20 -1.95 -3.42
O5 BMA E . -42.61 -0.28 -1.49
O6 BMA E . -46.15 -0.37 -1.94
C1 MAN E . -42.08 -4.09 -4.83
C2 MAN E . -42.90 -4.84 -5.92
C3 MAN E . -43.34 -6.21 -5.42
C4 MAN E . -42.15 -6.99 -4.82
C5 MAN E . -41.50 -6.15 -3.72
C6 MAN E . -40.28 -6.82 -3.11
O2 MAN E . -42.11 -5.09 -7.09
O3 MAN E . -43.97 -6.97 -6.44
O4 MAN E . -42.61 -8.22 -4.27
O5 MAN E . -41.05 -4.91 -4.30
O6 MAN E . -39.17 -6.60 -3.98
C1 NAG F . -34.75 10.44 29.28
C2 NAG F . -34.30 10.23 30.72
C3 NAG F . -35.52 10.01 31.61
C4 NAG F . -36.53 11.14 31.45
C5 NAG F . -36.84 11.37 29.96
C6 NAG F . -37.69 12.59 29.73
C7 NAG F . -32.30 9.12 31.62
C8 NAG F . -31.46 7.89 31.60
N2 NAG F . -33.38 9.11 30.83
O3 NAG F . -35.07 9.93 32.96
O4 NAG F . -37.75 10.81 32.09
O5 NAG F . -35.63 11.55 29.22
O6 NAG F . -39.06 12.33 30.02
O7 NAG F . -32.03 10.10 32.33
C1 NAG F . -37.80 11.16 33.49
C2 NAG F . -37.96 9.84 34.28
C3 NAG F . -37.88 10.08 35.80
C4 NAG F . -36.64 10.89 36.14
C5 NAG F . -36.62 12.18 35.33
C6 NAG F . -35.40 13.02 35.58
C7 NAG F . -40.44 9.40 34.01
C8 NAG F . -40.78 10.75 34.59
N2 NAG F . -39.14 9.06 33.91
O3 NAG F . -37.84 8.82 36.46
O4 NAG F . -36.56 11.18 37.54
O5 NAG F . -36.62 11.86 33.93
O6 NAG F . -35.58 13.89 36.70
O7 NAG F . -41.33 8.63 33.65
C1 BMA F . -37.82 11.48 38.15
C2 BMA F . -37.98 10.55 39.38
C3 BMA F . -39.20 10.95 40.21
C4 BMA F . -39.22 12.45 40.49
C5 BMA F . -39.13 13.22 39.17
C6 BMA F . -39.14 14.72 39.35
O2 BMA F . -36.85 10.66 40.24
O3 BMA F . -39.25 10.23 41.43
O4 BMA F . -40.42 12.80 41.16
O5 BMA F . -37.90 12.86 38.52
O6 BMA F . -40.17 15.06 40.27
C1 NAG G . -20.63 20.90 9.95
C2 NAG G . -20.09 22.10 10.71
C3 NAG G . -20.29 23.38 9.90
C4 NAG G . -19.69 23.23 8.50
C5 NAG G . -20.23 21.97 7.84
C6 NAG G . -19.58 21.68 6.50
C7 NAG G . -20.20 21.69 13.13
C8 NAG G . -20.99 21.91 14.38
N2 NAG G . -20.72 22.22 12.02
O3 NAG G . -19.68 24.46 10.58
O4 NAG G . -20.01 24.33 7.68
O5 NAG G . -19.99 20.82 8.67
O6 NAG G . -20.18 22.43 5.46
O7 NAG G . -19.15 21.06 13.12
C1 NAG G . -19.03 25.39 7.67
C2 NAG G . -17.98 25.19 6.57
C3 NAG G . -17.06 26.41 6.48
C4 NAG G . -17.87 27.69 6.32
C5 NAG G . -18.90 27.80 7.44
C6 NAG G . -19.82 28.98 7.27
C7 NAG G . -16.41 23.74 7.80
C8 NAG G . -15.70 22.42 7.81
N2 NAG G . -17.21 23.98 6.76
O3 NAG G . -16.17 26.25 5.37
O4 NAG G . -17.01 28.81 6.35
O5 NAG G . -19.72 26.62 7.46
O6 NAG G . -19.74 29.89 8.35
O7 NAG G . -16.27 24.56 8.72
C1 BMA G . -19.17 31.15 7.91
C2 BMA G . -19.92 31.65 6.64
C3 BMA G . -19.40 33.02 6.24
C4 BMA G . -19.43 33.98 7.43
C5 BMA G . -18.66 33.38 8.62
C6 BMA G . -18.70 34.26 9.86
O2 BMA G . -21.31 31.80 6.90
O3 BMA G . -20.14 33.56 5.16
O4 BMA G . -18.84 35.22 7.07
O5 BMA G . -19.25 32.12 8.95
O6 BMA G . -17.92 33.64 10.87
C1 NAG H . 20.10 19.28 14.05
C2 NAG H . 19.33 20.57 14.34
C3 NAG H . 20.31 21.69 14.65
C4 NAG H . 21.24 21.29 15.78
C5 NAG H . 21.92 19.96 15.46
C6 NAG H . 22.77 19.43 16.59
C7 NAG H . 17.38 21.68 13.35
C8 NAG H . 16.61 21.95 12.09
N2 NAG H . 18.48 20.92 13.22
O3 NAG H . 19.57 22.86 15.02
O4 NAG H . 22.25 22.29 15.96
O5 NAG H . 20.93 18.95 15.17
O6 NAG H . 24.03 18.96 16.13
O7 NAG H . 17.02 22.11 14.44
C1 NAG H . 21.93 23.08 17.12
C2 NAG H . 23.16 23.90 17.50
C3 NAG H . 22.85 24.81 18.68
C4 NAG H . 21.61 25.64 18.41
C5 NAG H . 20.45 24.74 18.00
C6 NAG H . 19.21 25.51 17.59
C7 NAG H . 25.28 22.81 16.90
C8 NAG H . 26.37 21.89 17.37
N2 NAG H . 24.30 23.05 17.79
O3 NAG H . 23.97 25.65 18.94
O4 NAG H . 21.25 26.38 19.57
O5 NAG H . 20.82 23.94 16.87
O6 NAG H . 18.10 24.65 17.44
O7 NAG H . 25.27 23.29 15.78
C1 BMA H . 21.53 27.77 19.36
C2 BMA H . 20.21 28.57 19.55
C3 BMA H . 20.50 30.07 19.50
C4 BMA H . 21.67 30.45 20.42
C5 BMA H . 22.90 29.60 20.09
C6 BMA H . 24.09 29.90 20.98
O2 BMA H . 19.64 28.29 20.81
O3 BMA H . 19.34 30.83 19.83
O4 BMA H . 21.98 31.82 20.26
O5 BMA H . 22.54 28.22 20.26
O6 BMA H . 24.20 28.83 21.93
C1 MAN H . 23.83 29.33 23.23
C2 MAN H . 25.06 30.08 23.83
C3 MAN H . 25.10 29.89 25.35
C4 MAN H . 23.69 29.84 25.93
C5 MAN H . 22.97 28.58 25.41
C6 MAN H . 21.45 28.72 25.40
O2 MAN H . 24.95 31.49 23.63
O3 MAN H . 25.88 30.90 25.98
O4 MAN H . 23.75 29.81 27.34
O5 MAN H . 23.41 28.25 24.07
O6 MAN H . 20.90 27.43 25.20
C1 NAG I . 1.37 9.01 23.22
C2 NAG I . 2.48 8.72 24.23
C3 NAG I . 1.91 8.00 25.44
C4 NAG I . 0.72 8.77 26.02
C5 NAG I . -0.28 9.12 24.92
C6 NAG I . -1.38 10.03 25.40
C7 NAG I . 4.74 8.42 23.33
C8 NAG I . 5.71 7.45 22.71
N2 NAG I . 3.54 7.92 23.62
O3 NAG I . 2.92 7.85 26.43
O4 NAG I . 0.05 7.96 26.98
O5 NAG I . 0.36 9.79 23.84
O6 NAG I . -2.48 10.07 24.48
O7 NAG I . 5.04 9.58 23.56
C1 NAG I . 0.40 8.29 28.33
C2 NAG I . -0.90 8.39 29.12
C3 NAG I . -0.62 8.57 30.62
C4 NAG I . 0.34 7.51 31.12
C5 NAG I . 1.60 7.50 30.26
C6 NAG I . 2.56 6.39 30.63
C7 NAG I . -3.02 9.36 28.34
C8 NAG I . -3.62 7.99 28.55
N2 NAG I . -1.72 9.49 28.63
O3 NAG I . -1.87 8.48 31.29
O4 NAG I . 0.71 7.65 32.49
O5 NAG I . 1.23 7.27 28.89
O6 NAG I . 2.09 5.12 30.21
O7 NAG I . -3.70 10.30 27.92
C1 BMA I . 0.47 8.92 33.14
C2 BMA I . -0.67 8.70 34.16
C3 BMA I . -0.94 9.99 34.89
C4 BMA I . 0.34 10.51 35.55
C5 BMA I . 1.44 10.69 34.47
C6 BMA I . 2.76 11.11 35.07
O2 BMA I . -0.27 7.75 35.14
O3 BMA I . -1.99 9.84 35.84
O4 BMA I . 0.09 11.75 36.18
O5 BMA I . 1.62 9.43 33.78
O6 BMA I . 2.51 11.98 36.17
C1 MAN I . -3.15 10.58 35.38
C2 MAN I . -4.21 10.62 36.54
C3 MAN I . -4.94 9.28 36.65
C4 MAN I . -5.50 8.86 35.29
C5 MAN I . -4.35 8.72 34.31
C6 MAN I . -4.81 8.30 32.92
O2 MAN I . -5.21 11.60 36.30
O3 MAN I . -5.98 9.34 37.62
O4 MAN I . -6.18 7.62 35.42
O5 MAN I . -3.69 10.00 34.18
O6 MAN I . -3.73 7.66 32.27
C1 NAG J . 0.80 27.41 -10.05
C2 NAG J . 2.29 27.52 -10.32
C3 NAG J . 2.62 28.90 -10.86
C4 NAG J . 1.73 29.26 -12.05
C5 NAG J . 0.26 28.97 -11.75
C6 NAG J . -0.63 29.11 -12.96
C7 NAG J . 3.02 27.93 -7.99
C8 NAG J . 3.92 27.46 -6.89
N2 NAG J . 3.08 27.22 -9.13
O3 NAG J . 4.00 28.94 -11.25
O4 NAG J . 1.86 30.65 -12.32
O5 NAG J . 0.08 27.64 -11.26
O6 NAG J . -1.41 30.30 -12.90
O7 NAG J . 2.29 28.91 -7.86
C1 NAG J . 2.63 30.87 -13.51
C2 NAG J . 2.50 32.35 -13.89
C3 NAG J . 3.33 32.64 -15.15
C4 NAG J . 4.78 32.19 -14.95
C5 NAG J . 4.83 30.74 -14.48
C6 NAG J . 6.23 30.28 -14.11
C7 NAG J . 0.30 32.21 -15.02
C8 NAG J . -1.09 32.76 -15.06
N2 NAG J . 1.11 32.73 -14.10
O3 NAG J . 3.28 34.04 -15.42
O4 NAG J . 5.48 32.27 -16.18
O5 NAG J . 4.02 30.56 -13.30
O6 NAG J . 6.21 28.99 -13.51
O7 NAG J . 0.68 31.34 -15.81
C1 BMA J . 6.24 33.51 -16.31
C2 BMA J . 6.00 34.02 -17.76
C3 BMA J . 6.58 35.41 -17.95
C4 BMA J . 6.16 36.36 -16.81
C5 BMA J . 6.55 35.74 -15.46
C6 BMA J . 6.17 36.61 -14.28
O2 BMA J . 4.61 34.11 -18.03
O3 BMA J . 6.21 35.97 -19.21
O4 BMA J . 6.80 37.61 -16.96
O5 BMA J . 5.87 34.48 -15.34
O6 BMA J . 4.76 36.78 -14.29
C1 NAG K . -1.48 -2.32 -24.08
C2 NAG K . -1.15 -3.73 -23.60
C3 NAG K . -1.16 -4.71 -24.77
C4 NAG K . -2.47 -4.63 -25.53
C5 NAG K . -2.76 -3.18 -25.93
C6 NAG K . -4.11 -3.02 -26.58
C7 NAG K . 0.33 -4.37 -21.74
C8 NAG K . -0.88 -5.03 -21.13
N2 NAG K . 0.14 -3.77 -22.91
O3 NAG K . -0.96 -6.04 -24.29
O4 NAG K . -2.42 -5.43 -26.69
O5 NAG K . -2.74 -2.33 -24.77
O6 NAG K . -4.15 -3.61 -27.86
O7 NAG K . 1.42 -4.37 -21.19
C1 NAG K . -5.42 -4.25 -28.08
C2 NAG K . -5.16 -5.69 -28.54
C3 NAG K . -6.47 -6.43 -28.77
C4 NAG K . -7.36 -6.33 -27.54
C5 NAG K . -7.53 -4.87 -27.11
C6 NAG K . -8.28 -4.73 -25.81
C7 NAG K . -4.67 -5.20 -30.93
C8 NAG K . -3.66 -5.36 -32.03
N2 NAG K . -4.33 -5.73 -29.74
O3 NAG K . -6.20 -7.80 -29.07
O4 NAG K . -8.64 -6.92 -27.81
O5 NAG K . -6.25 -4.27 -26.91
O6 NAG K . -9.16 -5.82 -25.59
O7 NAG K . -5.74 -4.63 -31.10
C1 BMA K . -9.32 -6.24 -28.89
C2 BMA K . -9.69 -7.28 -29.98
C3 BMA K . -10.48 -6.60 -31.09
C4 BMA K . -11.67 -5.80 -30.52
C5 BMA K . -11.17 -4.82 -29.44
C6 BMA K . -12.32 -4.06 -28.78
O2 BMA K . -10.52 -8.29 -29.45
O3 BMA K . -10.93 -7.52 -32.06
O4 BMA K . -12.31 -5.09 -31.55
O5 BMA K . -10.48 -5.56 -28.42
O6 BMA K . -11.75 -3.07 -27.91
C1 NAG L . -12.50 25.55 2.43
C2 NAG L . -12.17 25.85 3.90
C3 NAG L . -13.03 27.01 4.39
C4 NAG L . -12.86 28.22 3.48
C5 NAG L . -13.16 27.82 2.04
C6 NAG L . -12.91 28.94 1.05
C7 NAG L . -11.54 24.31 5.70
C8 NAG L . -11.92 23.07 6.46
N2 NAG L . -12.39 24.67 4.73
O3 NAG L . -12.62 27.35 5.72
O4 NAG L . -13.75 29.25 3.88
O5 NAG L . -12.32 26.72 1.65
O6 NAG L . -13.40 28.61 -0.24
O7 NAG L . -10.53 24.95 5.96
C1 NAG L . -12.98 30.37 4.36
C2 NAG L . -13.75 31.65 4.04
C3 NAG L . -13.01 32.87 4.57
C4 NAG L . -12.71 32.71 6.06
C5 NAG L . -11.97 31.39 6.29
C6 NAG L . -11.74 31.10 7.76
C7 NAG L . -15.17 31.58 2.02
C8 NAG L . -16.30 31.22 2.95
N2 NAG L . -13.98 31.78 2.61
O3 NAG L . -13.80 34.04 4.35
O4 NAG L . -11.91 33.79 6.51
O5 NAG L . -12.75 30.30 5.77
O6 NAG L . -12.79 31.62 8.57
O7 NAG L . -15.34 31.69 0.82
C1 BMA L . -12.73 34.68 7.29
C2 BMA L . -11.80 35.51 8.22
C3 BMA L . -12.62 36.60 8.93
C4 BMA L . -13.49 37.39 7.94
C5 BMA L . -14.37 36.42 7.15
C6 BMA L . -15.24 37.12 6.12
O2 BMA L . -10.81 36.18 7.47
O3 BMA L . -11.78 37.49 9.66
O4 BMA L . -14.32 38.30 8.66
O5 BMA L . -13.50 35.52 6.44
O6 BMA L . -16.10 36.16 5.53
#